data_2DG8
#
_entry.id   2DG8
#
_cell.length_a   51.336
_cell.length_b   101.262
_cell.length_c   76.914
_cell.angle_alpha   90.00
_cell.angle_beta   98.60
_cell.angle_gamma   90.00
#
_symmetry.space_group_name_H-M   'P 1 21 1'
#
loop_
_entity.id
_entity.type
_entity.pdbx_description
1 polymer 'putative tetR-family transcriptional regulatory protein'
2 water water
#
_entity_poly.entity_id   1
_entity_poly.type   'polypeptide(L)'
_entity_poly.pdbx_seq_one_letter_code
;MATGHTDPQRRERILAATLDLIAEEGIARVSHRRIAQRAGVPLGSMTYHFTGIEQLLREAFGRFTDHIVAVFDEHLGAAA
DRDEAREAVADLVHELSEDSQRDLVLTQELYTLAARQPAYRELTHEWMRRSRVHLEKHFDPGTARQLDALIEGLTLHRAL
AREPHGRALTLEAIARITTTDRPAPLEHHHHHH
;
_entity_poly.pdbx_strand_id   A,B,C,D
#
# COMPACT_ATOMS: atom_id res chain seq x y z
N ASP A 7 -4.39 17.69 -26.18
CA ASP A 7 -4.63 17.47 -24.72
C ASP A 7 -3.91 18.49 -23.85
N PRO A 8 -4.63 19.51 -23.37
CA PRO A 8 -4.09 20.57 -22.52
C PRO A 8 -3.70 20.06 -21.13
N GLN A 9 -3.73 18.74 -20.95
CA GLN A 9 -3.40 18.11 -19.67
C GLN A 9 -1.99 17.53 -19.62
N ARG A 10 -1.12 17.95 -20.53
CA ARG A 10 0.25 17.44 -20.54
C ARG A 10 1.05 18.02 -19.38
N ARG A 11 0.79 19.28 -19.06
CA ARG A 11 1.50 19.93 -17.96
C ARG A 11 1.10 19.26 -16.66
N GLU A 12 -0.20 19.02 -16.48
CA GLU A 12 -0.72 18.37 -15.28
C GLU A 12 -0.10 16.98 -15.14
N ARG A 13 0.04 16.29 -16.26
CA ARG A 13 0.60 14.94 -16.24
C ARG A 13 2.05 14.98 -15.80
N ILE A 14 2.75 16.04 -16.17
CA ILE A 14 4.13 16.17 -15.79
C ILE A 14 4.23 16.31 -14.28
N LEU A 15 3.34 17.12 -13.70
CA LEU A 15 3.33 17.34 -12.26
C LEU A 15 3.06 16.04 -11.51
N ALA A 16 2.08 15.28 -11.99
CA ALA A 16 1.73 14.01 -11.38
C ALA A 16 2.89 13.01 -11.41
N ALA A 17 3.56 12.92 -12.56
CA ALA A 17 4.68 12.01 -12.73
C ALA A 17 5.83 12.41 -11.79
N THR A 18 5.95 13.71 -11.56
CA THR A 18 6.99 14.22 -10.66
C THR A 18 6.70 13.73 -9.24
N LEU A 19 5.44 13.78 -8.86
CA LEU A 19 4.98 13.34 -7.53
C LEU A 19 5.18 11.83 -7.41
N ASP A 20 4.79 11.08 -8.44
CA ASP A 20 4.98 9.63 -8.45
C ASP A 20 6.47 9.33 -8.23
N LEU A 21 7.31 9.98 -9.02
CA LEU A 21 8.75 9.79 -8.94
C LEU A 21 9.30 10.06 -7.53
N ILE A 22 8.95 11.21 -6.95
CA ILE A 22 9.43 11.53 -5.61
C ILE A 22 8.96 10.49 -4.60
N ALA A 23 7.68 10.14 -4.66
CA ALA A 23 7.11 9.15 -3.73
C ALA A 23 7.82 7.80 -3.82
N GLU A 24 8.07 7.34 -5.05
CA GLU A 24 8.71 6.05 -5.27
C GLU A 24 10.23 6.00 -5.09
N GLU A 25 10.94 6.94 -5.70
CA GLU A 25 12.40 6.93 -5.66
C GLU A 25 13.08 7.98 -4.79
N GLY A 26 12.31 8.97 -4.33
CA GLY A 26 12.88 10.00 -3.50
C GLY A 26 13.20 11.27 -4.27
N ILE A 27 13.33 12.37 -3.53
CA ILE A 27 13.62 13.67 -4.10
C ILE A 27 14.91 13.75 -4.92
N ALA A 28 15.99 13.11 -4.47
CA ALA A 28 17.26 13.17 -5.19
C ALA A 28 17.21 12.56 -6.60
N ARG A 29 16.24 11.69 -6.84
CA ARG A 29 16.11 11.04 -8.14
C ARG A 29 15.31 11.87 -9.14
N VAL A 30 14.91 13.07 -8.74
CA VAL A 30 14.15 13.93 -9.64
C VAL A 30 15.00 14.41 -10.80
N SER A 31 14.55 14.15 -12.02
CA SER A 31 15.26 14.60 -13.21
C SER A 31 14.29 14.71 -14.36
N HIS A 32 14.59 15.62 -15.26
CA HIS A 32 13.78 15.87 -16.44
C HIS A 32 13.52 14.62 -17.27
N ARG A 33 14.57 13.83 -17.50
CA ARG A 33 14.42 12.62 -18.30
C ARG A 33 13.52 11.57 -17.65
N ARG A 34 13.74 11.29 -16.38
CA ARG A 34 12.93 10.30 -15.67
C ARG A 34 11.46 10.69 -15.62
N ILE A 35 11.19 11.98 -15.41
CA ILE A 35 9.83 12.46 -15.34
C ILE A 35 9.13 12.41 -16.69
N ALA A 36 9.82 12.87 -17.73
CA ALA A 36 9.23 12.84 -19.06
C ALA A 36 8.78 11.43 -19.41
N GLN A 37 9.63 10.45 -19.12
CA GLN A 37 9.30 9.05 -19.38
C GLN A 37 8.04 8.59 -18.65
N ARG A 38 7.94 8.94 -17.36
CA ARG A 38 6.79 8.55 -16.56
C ARG A 38 5.51 9.27 -17.04
N ALA A 39 5.66 10.52 -17.45
CA ALA A 39 4.52 11.29 -17.92
C ALA A 39 4.20 10.92 -19.37
N GLY A 40 5.10 10.16 -19.99
CA GLY A 40 4.89 9.77 -21.37
C GLY A 40 4.76 11.01 -22.24
N VAL A 41 5.76 11.87 -22.16
CA VAL A 41 5.79 13.10 -22.95
C VAL A 41 7.23 13.30 -23.41
N PRO A 42 7.43 13.92 -24.58
CA PRO A 42 8.81 14.12 -25.02
C PRO A 42 9.62 14.94 -24.02
N LEU A 43 10.92 14.65 -23.92
CA LEU A 43 11.83 15.34 -23.02
C LEU A 43 11.72 16.85 -23.11
N GLY A 44 11.57 17.36 -24.33
CA GLY A 44 11.46 18.79 -24.53
C GLY A 44 10.28 19.44 -23.81
N SER A 45 9.23 18.67 -23.54
CA SER A 45 8.05 19.20 -22.87
C SER A 45 8.37 19.71 -21.47
N MET A 46 9.42 19.16 -20.86
CA MET A 46 9.80 19.57 -19.51
C MET A 46 10.14 21.06 -19.47
N THR A 47 11.08 21.49 -20.31
CA THR A 47 11.51 22.88 -20.35
C THR A 47 10.54 23.78 -21.13
N TYR A 48 9.59 23.19 -21.82
CA TYR A 48 8.61 24.00 -22.54
C TYR A 48 7.64 24.58 -21.51
N HIS A 49 7.26 23.75 -20.55
CA HIS A 49 6.30 24.12 -19.51
C HIS A 49 6.87 24.64 -18.20
N PHE A 50 8.12 24.32 -17.91
CA PHE A 50 8.72 24.75 -16.65
C PHE A 50 10.06 25.45 -16.82
N THR A 51 10.22 26.56 -16.08
CA THR A 51 11.43 27.35 -16.15
C THR A 51 12.64 26.62 -15.56
N GLY A 52 12.37 25.66 -14.69
CA GLY A 52 13.44 24.91 -14.06
C GLY A 52 12.88 23.94 -13.04
N ILE A 53 13.76 23.19 -12.38
CA ILE A 53 13.34 22.19 -11.40
C ILE A 53 12.65 22.79 -10.18
N GLU A 54 13.03 24.00 -9.80
CA GLU A 54 12.42 24.64 -8.64
C GLU A 54 10.95 24.93 -8.88
N GLN A 55 10.61 25.55 -10.00
CA GLN A 55 9.21 25.83 -10.27
C GLN A 55 8.45 24.51 -10.37
N LEU A 56 9.05 23.53 -11.01
CA LEU A 56 8.45 22.20 -11.17
C LEU A 56 8.15 21.63 -9.78
N LEU A 57 9.17 21.64 -8.90
CA LEU A 57 8.98 21.12 -7.55
C LEU A 57 7.95 21.92 -6.76
N ARG A 58 7.98 23.24 -6.92
CA ARG A 58 7.03 24.08 -6.20
C ARG A 58 5.61 23.79 -6.67
N GLU A 59 5.42 23.64 -7.98
CA GLU A 59 4.10 23.35 -8.50
C GLU A 59 3.66 21.93 -8.18
N ALA A 60 4.60 20.99 -8.12
CA ALA A 60 4.28 19.60 -7.80
C ALA A 60 3.83 19.44 -6.35
N PHE A 61 4.62 19.98 -5.43
CA PHE A 61 4.29 19.88 -4.01
C PHE A 61 3.10 20.75 -3.67
N GLY A 62 2.86 21.76 -4.49
CA GLY A 62 1.73 22.64 -4.27
C GLY A 62 0.48 21.84 -4.63
N ARG A 63 0.58 21.01 -5.66
CA ARG A 63 -0.54 20.18 -6.06
C ARG A 63 -0.84 19.14 -4.97
N PHE A 64 0.21 18.51 -4.43
CA PHE A 64 0.03 17.53 -3.37
C PHE A 64 -0.58 18.23 -2.16
N THR A 65 -0.14 19.45 -1.93
CA THR A 65 -0.64 20.28 -0.83
C THR A 65 -2.13 20.55 -0.97
N ASP A 66 -2.57 20.88 -2.18
CA ASP A 66 -3.99 21.16 -2.44
C ASP A 66 -4.82 19.92 -2.11
N HIS A 67 -4.28 18.76 -2.44
CA HIS A 67 -4.92 17.47 -2.21
C HIS A 67 -5.21 17.15 -0.74
N ILE A 68 -4.20 17.32 0.12
CA ILE A 68 -4.37 17.05 1.54
C ILE A 68 -5.31 18.08 2.16
N VAL A 69 -5.18 19.33 1.73
CA VAL A 69 -6.04 20.39 2.23
C VAL A 69 -7.50 20.02 1.93
N ALA A 70 -7.71 19.42 0.77
CA ALA A 70 -9.05 19.02 0.37
C ALA A 70 -9.52 17.88 1.26
N VAL A 71 -8.57 17.10 1.77
CA VAL A 71 -8.93 16.00 2.65
C VAL A 71 -9.48 16.58 3.95
N PHE A 72 -8.92 17.73 4.35
CA PHE A 72 -9.38 18.42 5.54
C PHE A 72 -10.80 18.90 5.27
N ASP A 73 -11.00 19.46 4.07
CA ASP A 73 -12.30 19.96 3.67
C ASP A 73 -13.33 18.85 3.64
N GLU A 74 -12.93 17.70 3.10
CA GLU A 74 -13.83 16.56 3.01
C GLU A 74 -14.38 16.15 4.39
N HIS A 75 -13.48 16.04 5.38
CA HIS A 75 -13.88 15.65 6.72
C HIS A 75 -14.57 16.75 7.51
N LEU A 76 -13.94 17.93 7.53
CA LEU A 76 -14.46 19.06 8.28
C LEU A 76 -15.68 19.73 7.66
N GLY A 77 -15.71 19.79 6.33
CA GLY A 77 -16.84 20.41 5.66
C GLY A 77 -18.16 19.72 5.97
N ALA A 78 -18.10 18.42 6.27
CA ALA A 78 -19.30 17.64 6.56
C ALA A 78 -19.71 17.67 8.03
N ALA A 79 -19.04 18.47 8.85
CA ALA A 79 -19.36 18.56 10.27
C ALA A 79 -20.35 19.69 10.53
N ALA A 80 -21.41 19.38 11.26
CA ALA A 80 -22.45 20.35 11.58
C ALA A 80 -22.18 21.24 12.80
N ASP A 81 -21.45 20.71 13.77
CA ASP A 81 -21.13 21.45 14.99
C ASP A 81 -19.77 21.03 15.56
N ARG A 82 -19.41 21.59 16.71
CA ARG A 82 -18.15 21.26 17.36
C ARG A 82 -18.00 19.75 17.55
N ASP A 83 -19.02 19.13 18.13
CA ASP A 83 -19.00 17.71 18.38
C ASP A 83 -18.70 16.88 17.15
N GLU A 84 -19.36 17.17 16.03
CA GLU A 84 -19.10 16.42 14.81
C GLU A 84 -17.71 16.76 14.29
N ALA A 85 -17.31 18.02 14.46
CA ALA A 85 -16.00 18.47 14.02
C ALA A 85 -14.90 17.68 14.73
N ARG A 86 -15.03 17.56 16.05
CA ARG A 86 -14.04 16.83 16.85
C ARG A 86 -13.96 15.39 16.36
N GLU A 87 -15.12 14.80 16.11
CA GLU A 87 -15.22 13.42 15.65
C GLU A 87 -14.63 13.33 14.23
N ALA A 88 -14.87 14.37 13.46
CA ALA A 88 -14.38 14.46 12.08
C ALA A 88 -12.86 14.51 12.07
N VAL A 89 -12.30 15.25 13.02
CA VAL A 89 -10.85 15.40 13.11
C VAL A 89 -10.20 14.07 13.46
N ALA A 90 -10.85 13.27 14.30
CA ALA A 90 -10.30 11.98 14.68
C ALA A 90 -10.21 11.13 13.42
N ASP A 91 -11.26 11.21 12.60
CA ASP A 91 -11.31 10.45 11.36
C ASP A 91 -10.17 10.90 10.45
N LEU A 92 -9.96 12.21 10.42
CA LEU A 92 -8.92 12.80 9.59
C LEU A 92 -7.56 12.26 10.01
N VAL A 93 -7.29 12.28 11.31
CA VAL A 93 -6.02 11.81 11.84
C VAL A 93 -5.74 10.36 11.48
N HIS A 94 -6.73 9.48 11.67
CA HIS A 94 -6.51 8.08 11.35
C HIS A 94 -6.36 7.82 9.84
N GLU A 95 -7.15 8.52 9.03
CA GLU A 95 -7.04 8.34 7.60
C GLU A 95 -5.66 8.80 7.10
N LEU A 96 -5.21 9.96 7.54
CA LEU A 96 -3.91 10.48 7.11
C LEU A 96 -2.73 9.65 7.59
N SER A 97 -2.88 8.99 8.74
CA SER A 97 -1.80 8.19 9.26
C SER A 97 -1.66 6.80 8.66
N GLU A 98 -2.72 6.27 8.06
CA GLU A 98 -2.61 4.91 7.53
C GLU A 98 -3.21 4.56 6.18
N ASP A 99 -4.00 5.44 5.59
CA ASP A 99 -4.63 5.12 4.32
C ASP A 99 -3.74 5.16 3.10
N SER A 100 -2.85 6.14 3.02
CA SER A 100 -1.97 6.24 1.86
C SER A 100 -0.50 6.38 2.23
N GLN A 101 0.29 5.34 1.98
CA GLN A 101 1.72 5.42 2.27
C GLN A 101 2.36 6.44 1.33
N ARG A 102 1.82 6.56 0.12
CA ARG A 102 2.32 7.51 -0.87
C ARG A 102 2.18 8.94 -0.33
N ASP A 103 1.03 9.23 0.26
CA ASP A 103 0.80 10.56 0.82
C ASP A 103 1.71 10.82 2.02
N LEU A 104 1.90 9.81 2.86
CA LEU A 104 2.77 9.94 4.03
C LEU A 104 4.20 10.25 3.56
N VAL A 105 4.66 9.51 2.56
CA VAL A 105 6.02 9.70 2.03
C VAL A 105 6.19 11.09 1.39
N LEU A 106 5.20 11.53 0.61
CA LEU A 106 5.28 12.85 -0.03
C LEU A 106 5.26 13.94 1.03
N THR A 107 4.47 13.72 2.08
CA THR A 107 4.41 14.68 3.16
C THR A 107 5.80 14.80 3.79
N GLN A 108 6.41 13.66 4.09
CA GLN A 108 7.74 13.68 4.71
C GLN A 108 8.81 14.23 3.76
N GLU A 109 8.69 13.95 2.47
CA GLU A 109 9.68 14.46 1.52
C GLU A 109 9.62 15.98 1.57
N LEU A 110 8.41 16.52 1.51
CA LEU A 110 8.24 17.96 1.53
C LEU A 110 8.84 18.59 2.78
N TYR A 111 8.56 18.00 3.94
CA TYR A 111 9.09 18.52 5.20
C TYR A 111 10.62 18.55 5.22
N THR A 112 11.26 17.54 4.64
CA THR A 112 12.73 17.49 4.61
C THR A 112 13.22 18.59 3.70
N LEU A 113 12.53 18.77 2.57
CA LEU A 113 12.91 19.82 1.62
C LEU A 113 12.80 21.20 2.27
N ALA A 114 11.69 21.44 2.95
CA ALA A 114 11.47 22.72 3.61
C ALA A 114 12.48 22.94 4.74
N ALA A 115 12.88 21.86 5.41
CA ALA A 115 13.85 21.98 6.49
C ALA A 115 15.20 22.43 5.93
N ARG A 116 15.59 21.83 4.80
CA ARG A 116 16.86 22.12 4.16
C ARG A 116 16.90 23.45 3.42
N GLN A 117 15.89 23.72 2.59
CA GLN A 117 15.83 24.96 1.81
C GLN A 117 14.65 25.85 2.23
N PRO A 118 14.90 26.81 3.12
CA PRO A 118 13.90 27.75 3.64
C PRO A 118 12.87 28.25 2.62
N ALA A 119 13.32 28.49 1.39
CA ALA A 119 12.40 28.97 0.36
C ALA A 119 11.15 28.07 0.29
N TYR A 120 11.33 26.78 0.51
CA TYR A 120 10.19 25.87 0.45
C TYR A 120 9.25 25.94 1.64
N ARG A 121 9.62 26.70 2.68
CA ARG A 121 8.77 26.84 3.84
C ARG A 121 7.57 27.72 3.48
N GLU A 122 7.65 28.35 2.32
CA GLU A 122 6.53 29.16 1.82
C GLU A 122 5.40 28.17 1.52
N LEU A 123 5.80 26.98 1.07
CA LEU A 123 4.86 25.93 0.74
C LEU A 123 4.22 25.39 2.02
N THR A 124 5.04 25.01 2.98
CA THR A 124 4.50 24.47 4.23
C THR A 124 3.69 25.54 4.98
N HIS A 125 4.12 26.79 4.90
CA HIS A 125 3.41 27.87 5.59
C HIS A 125 2.01 28.04 5.00
N GLU A 126 1.92 28.00 3.67
CA GLU A 126 0.65 28.14 2.96
C GLU A 126 -0.22 26.91 3.20
N TRP A 127 0.42 25.76 3.38
CA TRP A 127 -0.29 24.51 3.65
C TRP A 127 -0.95 24.62 5.04
N MET A 128 -0.16 25.00 6.03
CA MET A 128 -0.69 25.13 7.40
C MET A 128 -1.82 26.16 7.48
N ARG A 129 -1.69 27.22 6.69
CA ARG A 129 -2.69 28.28 6.69
C ARG A 129 -4.03 27.81 6.15
N ARG A 130 -4.01 27.04 5.05
CA ARG A 130 -5.24 26.54 4.46
C ARG A 130 -5.89 25.49 5.35
N SER A 131 -5.06 24.70 6.03
CA SER A 131 -5.58 23.69 6.95
C SER A 131 -6.37 24.42 8.03
N ARG A 132 -5.77 25.48 8.58
CA ARG A 132 -6.40 26.24 9.64
C ARG A 132 -7.70 26.89 9.21
N VAL A 133 -7.79 27.27 7.94
CA VAL A 133 -9.01 27.90 7.44
C VAL A 133 -10.19 26.95 7.72
N HIS A 134 -10.08 25.72 7.21
CA HIS A 134 -11.15 24.74 7.42
C HIS A 134 -11.39 24.43 8.88
N LEU A 135 -10.33 24.52 9.69
CA LEU A 135 -10.45 24.22 11.11
C LEU A 135 -11.20 25.36 11.78
N GLU A 136 -10.96 26.58 11.31
CA GLU A 136 -11.62 27.76 11.88
C GLU A 136 -13.10 27.85 11.55
N LYS A 137 -13.60 26.91 10.76
CA LYS A 137 -15.02 26.91 10.44
C LYS A 137 -15.77 26.32 11.64
N HIS A 138 -15.02 25.79 12.60
CA HIS A 138 -15.64 25.21 13.78
C HIS A 138 -15.03 25.66 15.10
N PHE A 139 -13.76 26.05 15.07
CA PHE A 139 -13.07 26.49 16.29
C PHE A 139 -12.47 27.87 16.09
N ASP A 140 -12.22 28.56 17.21
CA ASP A 140 -11.63 29.89 17.15
C ASP A 140 -10.20 29.77 16.61
N PRO A 141 -9.63 30.88 16.11
CA PRO A 141 -8.27 30.93 15.54
C PRO A 141 -7.19 30.28 16.40
N GLY A 142 -7.18 30.62 17.68
CA GLY A 142 -6.17 30.06 18.56
C GLY A 142 -6.23 28.55 18.69
N THR A 143 -7.42 28.03 19.02
CA THR A 143 -7.54 26.59 19.18
C THR A 143 -7.27 25.90 17.83
N ALA A 144 -7.72 26.52 16.76
CA ALA A 144 -7.51 25.96 15.43
C ALA A 144 -6.02 25.77 15.16
N ARG A 145 -5.21 26.71 15.63
CA ARG A 145 -3.77 26.63 15.44
C ARG A 145 -3.19 25.53 16.32
N GLN A 146 -3.61 25.48 17.59
CA GLN A 146 -3.13 24.45 18.51
C GLN A 146 -3.57 23.08 17.98
N LEU A 147 -4.80 23.00 17.48
CA LEU A 147 -5.35 21.76 16.96
C LEU A 147 -4.59 21.25 15.73
N ASP A 148 -4.21 22.17 14.84
CA ASP A 148 -3.47 21.78 13.64
C ASP A 148 -2.15 21.13 14.02
N ALA A 149 -1.50 21.65 15.06
CA ALA A 149 -0.23 21.07 15.51
C ALA A 149 -0.47 19.70 16.13
N LEU A 150 -1.61 19.52 16.79
CA LEU A 150 -1.92 18.24 17.42
C LEU A 150 -2.18 17.21 16.31
N ILE A 151 -3.00 17.59 15.34
CA ILE A 151 -3.32 16.71 14.22
C ILE A 151 -2.02 16.25 13.56
N GLU A 152 -1.10 17.19 13.38
CA GLU A 152 0.19 16.90 12.77
C GLU A 152 0.92 15.83 13.58
N GLY A 153 1.02 16.05 14.88
CA GLY A 153 1.71 15.13 15.76
C GLY A 153 1.07 13.76 15.94
N LEU A 154 -0.25 13.73 16.07
CA LEU A 154 -0.98 12.47 16.24
C LEU A 154 -0.84 11.61 14.98
N THR A 155 -0.95 12.26 13.83
CA THR A 155 -0.84 11.59 12.54
C THR A 155 0.53 10.94 12.40
N LEU A 156 1.56 11.73 12.69
CA LEU A 156 2.94 11.30 12.59
C LEU A 156 3.22 10.13 13.53
N HIS A 157 2.77 10.24 14.78
CA HIS A 157 3.03 9.17 15.72
C HIS A 157 2.27 7.89 15.42
N ARG A 158 1.11 8.00 14.79
CA ARG A 158 0.38 6.77 14.45
C ARG A 158 1.00 6.13 13.21
N ALA A 159 1.30 6.95 12.22
CA ALA A 159 1.88 6.49 10.97
C ALA A 159 3.22 5.76 11.13
N LEU A 160 4.10 6.31 11.94
CA LEU A 160 5.41 5.69 12.13
C LEU A 160 5.49 4.83 13.37
N ALA A 161 4.34 4.35 13.84
CA ALA A 161 4.31 3.51 15.02
C ALA A 161 4.41 2.04 14.66
N ARG A 162 4.92 1.25 15.59
CA ARG A 162 5.01 -0.19 15.40
C ARG A 162 3.64 -0.65 15.87
N GLU A 163 3.10 0.08 16.84
CA GLU A 163 1.79 -0.21 17.40
C GLU A 163 1.07 1.13 17.60
N PRO A 164 0.34 1.59 16.58
CA PRO A 164 -0.39 2.87 16.62
C PRO A 164 -1.46 2.94 17.68
N HIS A 165 -1.59 4.10 18.33
CA HIS A 165 -2.61 4.27 19.36
C HIS A 165 -3.99 4.22 18.71
N GLY A 166 -5.03 4.05 19.52
CA GLY A 166 -6.39 3.96 18.99
C GLY A 166 -7.15 5.27 18.93
N ARG A 167 -8.37 5.20 18.38
CA ARG A 167 -9.24 6.37 18.23
C ARG A 167 -9.66 7.03 19.55
N ALA A 168 -9.90 6.25 20.60
CA ALA A 168 -10.31 6.84 21.87
C ALA A 168 -9.25 7.81 22.36
N LEU A 169 -7.99 7.42 22.26
CA LEU A 169 -6.88 8.27 22.68
C LEU A 169 -6.82 9.49 21.76
N THR A 170 -7.05 9.28 20.46
CA THR A 170 -7.03 10.40 19.52
C THR A 170 -8.17 11.37 19.84
N LEU A 171 -9.36 10.83 20.06
CA LEU A 171 -10.51 11.66 20.36
C LEU A 171 -10.35 12.45 21.65
N GLU A 172 -9.73 11.85 22.66
CA GLU A 172 -9.53 12.54 23.93
C GLU A 172 -8.57 13.73 23.79
N ALA A 173 -7.47 13.54 23.08
CA ALA A 173 -6.50 14.63 22.90
C ALA A 173 -7.20 15.77 22.18
N ILE A 174 -7.98 15.43 21.17
CA ILE A 174 -8.71 16.43 20.41
C ILE A 174 -9.68 17.16 21.34
N ALA A 175 -10.43 16.41 22.14
CA ALA A 175 -11.38 17.03 23.06
C ALA A 175 -10.66 17.97 24.00
N ARG A 176 -9.52 17.54 24.53
CA ARG A 176 -8.75 18.37 25.44
C ARG A 176 -8.20 19.65 24.80
N ILE A 177 -7.57 19.55 23.63
CA ILE A 177 -7.01 20.72 22.94
C ILE A 177 -8.12 21.72 22.54
N THR A 178 -9.31 21.23 22.24
CA THR A 178 -10.41 22.10 21.84
C THR A 178 -11.31 22.50 23.02
N THR A 179 -10.77 22.44 24.23
CA THR A 179 -11.53 22.83 25.41
C THR A 179 -11.22 24.28 25.76
N THR A 180 -12.26 25.07 26.01
CA THR A 180 -12.09 26.48 26.38
C THR A 180 -13.01 26.85 27.54
N ASP A 181 -12.89 26.10 28.65
CA ASP A 181 -13.69 26.33 29.86
C ASP A 181 -12.80 26.15 31.09
N PRO B 8 13.54 -38.32 -10.11
CA PRO B 8 14.40 -38.18 -8.92
C PRO B 8 15.20 -36.88 -8.96
N GLN B 9 15.61 -36.47 -10.15
CA GLN B 9 16.35 -35.23 -10.34
C GLN B 9 16.15 -34.76 -11.78
N ARG B 10 16.11 -35.70 -12.71
CA ARG B 10 15.91 -35.36 -14.11
C ARG B 10 14.47 -34.89 -14.28
N ARG B 11 13.57 -35.56 -13.58
CA ARG B 11 12.15 -35.25 -13.59
C ARG B 11 11.98 -33.79 -13.17
N GLU B 12 12.52 -33.45 -12.01
CA GLU B 12 12.43 -32.10 -11.47
C GLU B 12 13.09 -31.04 -12.35
N ARG B 13 14.14 -31.42 -13.06
CA ARG B 13 14.81 -30.48 -13.93
C ARG B 13 13.88 -30.09 -15.07
N ILE B 14 13.07 -31.05 -15.51
CA ILE B 14 12.12 -30.83 -16.60
C ILE B 14 10.99 -29.94 -16.11
N LEU B 15 10.37 -30.31 -14.99
CA LEU B 15 9.28 -29.52 -14.42
C LEU B 15 9.79 -28.11 -14.19
N ALA B 16 10.97 -28.01 -13.58
CA ALA B 16 11.59 -26.73 -13.30
C ALA B 16 11.64 -25.89 -14.58
N ALA B 17 12.01 -26.52 -15.69
CA ALA B 17 12.10 -25.83 -16.97
C ALA B 17 10.74 -25.43 -17.53
N THR B 18 9.73 -26.27 -17.31
CA THR B 18 8.40 -25.96 -17.82
C THR B 18 7.78 -24.77 -17.09
N LEU B 19 7.94 -24.72 -15.77
CA LEU B 19 7.41 -23.60 -15.01
C LEU B 19 8.03 -22.32 -15.54
N ASP B 20 9.34 -22.36 -15.77
CA ASP B 20 10.07 -21.22 -16.31
C ASP B 20 9.48 -20.84 -17.66
N LEU B 21 9.21 -21.84 -18.49
CA LEU B 21 8.65 -21.60 -19.81
C LEU B 21 7.28 -20.95 -19.67
N ILE B 22 6.44 -21.52 -18.81
CA ILE B 22 5.11 -20.99 -18.59
C ILE B 22 5.17 -19.54 -18.09
N ALA B 23 5.97 -19.31 -17.05
CA ALA B 23 6.10 -17.97 -16.48
C ALA B 23 6.65 -16.97 -17.49
N GLU B 24 7.50 -17.43 -18.40
CA GLU B 24 8.09 -16.55 -19.38
C GLU B 24 7.32 -16.33 -20.67
N GLU B 25 6.87 -17.42 -21.30
CA GLU B 25 6.18 -17.31 -22.58
C GLU B 25 4.70 -17.67 -22.57
N GLY B 26 4.20 -18.10 -21.42
CA GLY B 26 2.80 -18.45 -21.32
C GLY B 26 2.59 -19.93 -21.56
N ILE B 27 1.51 -20.44 -20.97
CA ILE B 27 1.15 -21.84 -21.06
C ILE B 27 1.08 -22.40 -22.49
N ALA B 28 0.62 -21.59 -23.44
CA ALA B 28 0.51 -22.05 -24.82
C ALA B 28 1.80 -22.54 -25.46
N ARG B 29 2.92 -21.87 -25.16
CA ARG B 29 4.20 -22.26 -25.75
C ARG B 29 4.85 -23.51 -25.19
N VAL B 30 4.14 -24.22 -24.31
CA VAL B 30 4.67 -25.44 -23.72
C VAL B 30 4.62 -26.64 -24.67
N SER B 31 5.78 -27.22 -24.94
CA SER B 31 5.91 -28.38 -25.81
C SER B 31 7.19 -29.15 -25.50
N HIS B 32 7.15 -30.47 -25.70
CA HIS B 32 8.30 -31.32 -25.45
C HIS B 32 9.55 -30.72 -26.09
N ARG B 33 9.44 -30.43 -27.38
CA ARG B 33 10.53 -29.85 -28.15
C ARG B 33 11.08 -28.55 -27.57
N ARG B 34 10.20 -27.62 -27.22
CA ARG B 34 10.65 -26.36 -26.66
C ARG B 34 11.23 -26.50 -25.25
N ILE B 35 10.65 -27.40 -24.47
CA ILE B 35 11.11 -27.63 -23.09
C ILE B 35 12.46 -28.37 -23.09
N ALA B 36 12.59 -29.35 -23.98
CA ALA B 36 13.83 -30.12 -24.07
C ALA B 36 15.00 -29.16 -24.26
N GLN B 37 14.83 -28.22 -25.18
CA GLN B 37 15.86 -27.22 -25.46
C GLN B 37 16.25 -26.46 -24.18
N ARG B 38 15.24 -26.06 -23.42
CA ARG B 38 15.45 -25.32 -22.17
C ARG B 38 16.25 -26.10 -21.13
N ALA B 39 15.67 -27.20 -20.66
CA ALA B 39 16.30 -28.04 -19.64
C ALA B 39 17.62 -28.68 -20.08
N GLY B 40 17.92 -28.61 -21.38
CA GLY B 40 19.14 -29.22 -21.87
C GLY B 40 19.06 -30.72 -21.70
N VAL B 41 18.11 -31.33 -22.38
CA VAL B 41 17.92 -32.77 -22.32
C VAL B 41 17.49 -33.30 -23.68
N PRO B 42 17.75 -34.59 -23.95
CA PRO B 42 17.36 -35.17 -25.24
C PRO B 42 15.86 -35.04 -25.40
N LEU B 43 15.39 -34.88 -26.63
CA LEU B 43 13.96 -34.79 -26.85
C LEU B 43 13.38 -36.13 -26.39
N GLY B 44 14.24 -37.14 -26.35
CA GLY B 44 13.82 -38.46 -25.93
C GLY B 44 13.57 -38.59 -24.44
N SER B 45 14.01 -37.60 -23.68
CA SER B 45 13.81 -37.62 -22.23
C SER B 45 12.38 -37.18 -21.90
N MET B 46 11.84 -36.27 -22.71
CA MET B 46 10.48 -35.78 -22.50
C MET B 46 9.49 -36.93 -22.64
N THR B 47 9.65 -37.70 -23.70
CA THR B 47 8.79 -38.85 -23.98
C THR B 47 8.97 -39.95 -22.95
N TYR B 48 10.20 -40.11 -22.48
CA TYR B 48 10.51 -41.14 -21.49
C TYR B 48 9.85 -40.85 -20.14
N HIS B 49 9.81 -39.58 -19.75
CA HIS B 49 9.20 -39.20 -18.47
C HIS B 49 7.72 -38.86 -18.50
N PHE B 50 7.23 -38.36 -19.63
CA PHE B 50 5.83 -37.97 -19.68
C PHE B 50 4.99 -38.58 -20.80
N THR B 51 3.83 -39.09 -20.39
CA THR B 51 2.88 -39.74 -21.29
C THR B 51 2.23 -38.73 -22.23
N GLY B 52 2.42 -37.45 -21.94
CA GLY B 52 1.85 -36.40 -22.75
C GLY B 52 2.09 -35.03 -22.15
N ILE B 53 1.15 -34.11 -22.35
CA ILE B 53 1.30 -32.76 -21.81
C ILE B 53 0.45 -32.55 -20.57
N GLU B 54 -0.65 -33.30 -20.47
CA GLU B 54 -1.53 -33.17 -19.31
C GLU B 54 -0.82 -33.57 -18.02
N GLN B 55 -0.14 -34.71 -18.04
CA GLN B 55 0.57 -35.18 -16.85
C GLN B 55 1.70 -34.22 -16.52
N LEU B 56 2.39 -33.74 -17.54
CA LEU B 56 3.49 -32.81 -17.36
C LEU B 56 3.04 -31.52 -16.68
N LEU B 57 1.82 -31.11 -16.99
CA LEU B 57 1.24 -29.89 -16.43
C LEU B 57 0.77 -30.09 -14.99
N ARG B 58 0.17 -31.24 -14.70
CA ARG B 58 -0.32 -31.52 -13.35
C ARG B 58 0.86 -31.55 -12.39
N GLU B 59 2.01 -31.98 -12.88
CA GLU B 59 3.21 -32.07 -12.04
C GLU B 59 3.93 -30.76 -11.90
N ALA B 60 4.10 -30.03 -13.01
CA ALA B 60 4.78 -28.74 -12.93
C ALA B 60 4.06 -27.84 -11.91
N PHE B 61 2.76 -27.66 -12.11
CA PHE B 61 1.97 -26.83 -11.20
C PHE B 61 1.92 -27.40 -9.78
N GLY B 62 1.95 -28.72 -9.67
CA GLY B 62 1.95 -29.33 -8.35
C GLY B 62 3.19 -28.84 -7.62
N ARG B 63 4.30 -28.78 -8.35
CA ARG B 63 5.55 -28.32 -7.78
C ARG B 63 5.42 -26.84 -7.38
N PHE B 64 4.77 -26.05 -8.23
CA PHE B 64 4.59 -24.63 -7.93
C PHE B 64 3.71 -24.44 -6.70
N THR B 65 2.75 -25.34 -6.53
CA THR B 65 1.84 -25.32 -5.40
C THR B 65 2.61 -25.61 -4.12
N ASP B 66 3.42 -26.67 -4.16
CA ASP B 66 4.25 -27.05 -3.01
C ASP B 66 5.00 -25.82 -2.53
N HIS B 67 5.53 -25.06 -3.49
CA HIS B 67 6.27 -23.84 -3.21
C HIS B 67 5.45 -22.80 -2.46
N ILE B 68 4.24 -22.54 -2.94
CA ILE B 68 3.39 -21.54 -2.32
C ILE B 68 2.93 -21.97 -0.92
N VAL B 69 2.61 -23.25 -0.77
CA VAL B 69 2.20 -23.79 0.52
C VAL B 69 3.32 -23.58 1.54
N ALA B 70 4.56 -23.69 1.06
CA ALA B 70 5.74 -23.53 1.89
C ALA B 70 5.82 -22.12 2.43
N VAL B 71 5.53 -21.14 1.58
CA VAL B 71 5.54 -19.75 1.99
C VAL B 71 4.52 -19.55 3.11
N PHE B 72 3.38 -20.23 2.99
CA PHE B 72 2.33 -20.16 4.00
C PHE B 72 2.83 -20.73 5.33
N ASP B 73 3.29 -21.98 5.28
CA ASP B 73 3.80 -22.66 6.46
C ASP B 73 4.88 -21.81 7.14
N GLU B 74 5.72 -21.18 6.32
CA GLU B 74 6.79 -20.33 6.81
C GLU B 74 6.25 -19.18 7.67
N HIS B 75 5.20 -18.52 7.18
CA HIS B 75 4.60 -17.40 7.90
C HIS B 75 3.73 -17.84 9.08
N LEU B 76 2.86 -18.82 8.84
CA LEU B 76 1.96 -19.33 9.87
C LEU B 76 2.61 -20.21 10.93
N GLY B 77 3.71 -20.88 10.56
CA GLY B 77 4.39 -21.75 11.51
C GLY B 77 5.09 -21.00 12.63
N ALA B 78 5.55 -19.78 12.34
CA ALA B 78 6.25 -18.97 13.33
C ALA B 78 5.33 -18.23 14.31
N ALA B 79 4.03 -18.19 14.01
CA ALA B 79 3.08 -17.51 14.90
C ALA B 79 2.78 -18.40 16.10
N ALA B 80 2.88 -17.83 17.30
CA ALA B 80 2.62 -18.59 18.51
C ALA B 80 1.14 -18.62 18.84
N ASP B 81 0.43 -17.55 18.51
CA ASP B 81 -0.99 -17.47 18.79
C ASP B 81 -1.81 -16.83 17.67
N ARG B 82 -3.11 -16.69 17.92
CA ARG B 82 -4.07 -16.12 16.99
C ARG B 82 -3.74 -14.69 16.58
N ASP B 83 -3.31 -13.88 17.53
CA ASP B 83 -2.97 -12.49 17.22
C ASP B 83 -1.73 -12.41 16.34
N GLU B 84 -0.72 -13.22 16.66
CA GLU B 84 0.50 -13.23 15.86
C GLU B 84 0.14 -13.80 14.49
N ALA B 85 -0.81 -14.72 14.48
CA ALA B 85 -1.26 -15.35 13.24
C ALA B 85 -1.87 -14.33 12.28
N ARG B 86 -2.68 -13.42 12.81
CA ARG B 86 -3.32 -12.39 11.99
C ARG B 86 -2.26 -11.50 11.38
N GLU B 87 -1.26 -11.12 12.18
CA GLU B 87 -0.18 -10.28 11.69
C GLU B 87 0.62 -11.04 10.63
N ALA B 88 0.78 -12.35 10.86
CA ALA B 88 1.52 -13.20 9.94
C ALA B 88 0.78 -13.33 8.60
N VAL B 89 -0.54 -13.39 8.65
CA VAL B 89 -1.33 -13.49 7.42
C VAL B 89 -1.19 -12.18 6.65
N ALA B 90 -1.13 -11.07 7.38
CA ALA B 90 -0.98 -9.77 6.75
C ALA B 90 0.39 -9.71 6.04
N ASP B 91 1.41 -10.26 6.70
CA ASP B 91 2.76 -10.29 6.13
C ASP B 91 2.75 -11.17 4.88
N LEU B 92 2.04 -12.29 4.96
CA LEU B 92 1.93 -13.22 3.85
C LEU B 92 1.26 -12.55 2.65
N VAL B 93 0.16 -11.84 2.90
CA VAL B 93 -0.55 -11.18 1.80
C VAL B 93 0.35 -10.21 1.07
N HIS B 94 1.11 -9.43 1.82
CA HIS B 94 2.01 -8.47 1.21
C HIS B 94 3.21 -9.09 0.50
N GLU B 95 3.84 -10.09 1.13
CA GLU B 95 4.97 -10.74 0.49
C GLU B 95 4.48 -11.34 -0.83
N LEU B 96 3.31 -11.98 -0.77
CA LEU B 96 2.70 -12.61 -1.93
C LEU B 96 2.28 -11.66 -3.06
N SER B 97 2.06 -10.39 -2.74
CA SER B 97 1.63 -9.46 -3.77
C SER B 97 2.69 -8.49 -4.27
N GLU B 98 3.88 -8.52 -3.69
CA GLU B 98 4.92 -7.60 -4.11
C GLU B 98 6.24 -8.25 -4.47
N ASP B 99 6.53 -9.38 -3.82
CA ASP B 99 7.81 -10.05 -4.01
C ASP B 99 8.14 -10.82 -5.28
N SER B 100 7.17 -11.47 -5.90
CA SER B 100 7.51 -12.24 -7.09
C SER B 100 6.56 -12.15 -8.29
N GLN B 101 7.05 -11.50 -9.35
CA GLN B 101 6.30 -11.37 -10.59
C GLN B 101 6.02 -12.79 -11.06
N ARG B 102 7.05 -13.62 -10.97
CA ARG B 102 6.99 -15.01 -11.37
C ARG B 102 5.81 -15.76 -10.73
N ASP B 103 5.75 -15.76 -9.40
CA ASP B 103 4.68 -16.45 -8.69
C ASP B 103 3.28 -15.91 -9.03
N LEU B 104 3.20 -14.61 -9.30
CA LEU B 104 1.92 -14.00 -9.64
C LEU B 104 1.43 -14.56 -10.97
N VAL B 105 2.33 -14.60 -11.94
CA VAL B 105 1.99 -15.11 -13.26
C VAL B 105 1.61 -16.59 -13.23
N LEU B 106 2.46 -17.39 -12.60
CA LEU B 106 2.19 -18.82 -12.51
C LEU B 106 0.87 -19.08 -11.82
N THR B 107 0.58 -18.32 -10.78
CA THR B 107 -0.68 -18.45 -10.07
C THR B 107 -1.82 -18.18 -11.05
N GLN B 108 -1.73 -17.07 -11.77
CA GLN B 108 -2.76 -16.72 -12.72
C GLN B 108 -2.84 -17.74 -13.85
N GLU B 109 -1.68 -18.18 -14.35
CA GLU B 109 -1.69 -19.18 -15.42
C GLU B 109 -2.46 -20.41 -14.91
N LEU B 110 -2.21 -20.81 -13.66
CA LEU B 110 -2.88 -21.98 -13.09
C LEU B 110 -4.38 -21.80 -12.99
N TYR B 111 -4.82 -20.62 -12.53
CA TYR B 111 -6.23 -20.34 -12.39
C TYR B 111 -7.01 -20.37 -13.70
N THR B 112 -6.41 -19.86 -14.77
CA THR B 112 -7.08 -19.89 -16.07
C THR B 112 -7.23 -21.33 -16.52
N LEU B 113 -6.18 -22.11 -16.33
CA LEU B 113 -6.18 -23.51 -16.71
C LEU B 113 -7.33 -24.24 -16.03
N ALA B 114 -7.42 -24.10 -14.71
CA ALA B 114 -8.47 -24.76 -13.94
C ALA B 114 -9.86 -24.26 -14.30
N ALA B 115 -9.96 -23.00 -14.71
CA ALA B 115 -11.25 -22.45 -15.08
C ALA B 115 -11.68 -23.05 -16.42
N ARG B 116 -10.74 -23.09 -17.35
CA ARG B 116 -10.99 -23.61 -18.68
C ARG B 116 -11.16 -25.14 -18.69
N GLN B 117 -10.38 -25.84 -17.88
CA GLN B 117 -10.46 -27.29 -17.83
C GLN B 117 -10.70 -27.80 -16.42
N PRO B 118 -11.98 -28.03 -16.06
CA PRO B 118 -12.37 -28.50 -14.73
C PRO B 118 -11.52 -29.63 -14.13
N ALA B 119 -10.74 -30.31 -14.97
CA ALA B 119 -9.90 -31.39 -14.49
C ALA B 119 -8.82 -30.81 -13.58
N TYR B 120 -8.19 -29.74 -14.04
CA TYR B 120 -7.13 -29.07 -13.29
C TYR B 120 -7.63 -28.38 -12.02
N ARG B 121 -8.94 -28.36 -11.81
CA ARG B 121 -9.49 -27.75 -10.60
C ARG B 121 -9.15 -28.67 -9.44
N GLU B 122 -8.76 -29.89 -9.79
CA GLU B 122 -8.38 -30.87 -8.81
C GLU B 122 -7.11 -30.34 -8.15
N LEU B 123 -6.28 -29.71 -8.96
CA LEU B 123 -5.02 -29.16 -8.47
C LEU B 123 -5.28 -27.94 -7.58
N THR B 124 -6.20 -27.08 -8.00
CA THR B 124 -6.51 -25.90 -7.23
C THR B 124 -7.23 -26.24 -5.91
N HIS B 125 -8.05 -27.29 -5.92
CA HIS B 125 -8.73 -27.71 -4.70
C HIS B 125 -7.72 -28.17 -3.65
N GLU B 126 -6.76 -28.99 -4.07
CA GLU B 126 -5.74 -29.50 -3.17
C GLU B 126 -4.87 -28.37 -2.64
N TRP B 127 -4.67 -27.36 -3.49
CA TRP B 127 -3.88 -26.21 -3.10
C TRP B 127 -4.59 -25.48 -1.96
N MET B 128 -5.87 -25.22 -2.15
CA MET B 128 -6.67 -24.54 -1.15
C MET B 128 -6.74 -25.35 0.16
N ARG B 129 -6.94 -26.66 0.03
CA ARG B 129 -7.00 -27.54 1.20
C ARG B 129 -5.74 -27.41 2.04
N ARG B 130 -4.59 -27.56 1.39
CA ARG B 130 -3.31 -27.45 2.07
C ARG B 130 -3.16 -26.09 2.73
N SER B 131 -3.62 -25.04 2.06
CA SER B 131 -3.56 -23.68 2.60
C SER B 131 -4.38 -23.61 3.88
N ARG B 132 -5.62 -24.10 3.81
CA ARG B 132 -6.50 -24.07 4.98
C ARG B 132 -5.92 -24.85 6.15
N VAL B 133 -5.22 -25.95 5.86
CA VAL B 133 -4.62 -26.78 6.89
C VAL B 133 -3.74 -25.92 7.81
N HIS B 134 -2.98 -25.01 7.22
CA HIS B 134 -2.11 -24.15 7.99
C HIS B 134 -2.89 -23.06 8.72
N LEU B 135 -3.98 -22.60 8.11
CA LEU B 135 -4.79 -21.57 8.74
C LEU B 135 -5.53 -22.17 9.94
N GLU B 136 -5.96 -23.42 9.78
CA GLU B 136 -6.67 -24.14 10.82
C GLU B 136 -5.81 -24.39 12.05
N LYS B 137 -4.53 -24.05 11.94
CA LYS B 137 -3.62 -24.23 13.05
C LYS B 137 -3.92 -23.15 14.10
N HIS B 138 -4.59 -22.09 13.64
CA HIS B 138 -4.92 -20.96 14.51
C HIS B 138 -6.38 -20.56 14.44
N PHE B 139 -7.11 -21.03 13.43
CA PHE B 139 -8.51 -20.67 13.29
C PHE B 139 -9.38 -21.89 13.06
N ASP B 140 -10.66 -21.77 13.39
CA ASP B 140 -11.62 -22.86 13.20
C ASP B 140 -11.83 -23.05 11.69
N PRO B 141 -12.15 -24.27 11.27
CA PRO B 141 -12.37 -24.59 9.84
C PRO B 141 -13.23 -23.59 9.06
N GLY B 142 -14.39 -23.21 9.61
CA GLY B 142 -15.23 -22.25 8.91
C GLY B 142 -14.48 -20.96 8.65
N THR B 143 -13.88 -20.42 9.71
CA THR B 143 -13.12 -19.19 9.61
C THR B 143 -11.94 -19.28 8.64
N ALA B 144 -11.26 -20.41 8.66
CA ALA B 144 -10.09 -20.64 7.81
C ALA B 144 -10.44 -20.60 6.33
N ARG B 145 -11.60 -21.14 5.98
CA ARG B 145 -12.03 -21.15 4.60
C ARG B 145 -12.38 -19.74 4.15
N GLN B 146 -13.00 -18.96 5.04
CA GLN B 146 -13.35 -17.58 4.70
C GLN B 146 -12.06 -16.76 4.55
N LEU B 147 -11.14 -16.95 5.49
CA LEU B 147 -9.87 -16.24 5.48
C LEU B 147 -9.08 -16.54 4.23
N ASP B 148 -9.08 -17.80 3.83
CA ASP B 148 -8.34 -18.20 2.64
C ASP B 148 -8.87 -17.45 1.43
N ALA B 149 -10.19 -17.35 1.33
CA ALA B 149 -10.82 -16.63 0.23
C ALA B 149 -10.40 -15.16 0.31
N LEU B 150 -10.41 -14.59 1.51
CA LEU B 150 -10.02 -13.20 1.72
C LEU B 150 -8.57 -12.96 1.28
N ILE B 151 -7.69 -13.87 1.70
CA ILE B 151 -6.26 -13.78 1.36
C ILE B 151 -6.08 -13.75 -0.15
N GLU B 152 -6.81 -14.62 -0.82
CA GLU B 152 -6.76 -14.73 -2.26
C GLU B 152 -7.12 -13.38 -2.89
N GLY B 153 -8.22 -12.80 -2.43
CA GLY B 153 -8.71 -11.54 -2.97
C GLY B 153 -7.84 -10.35 -2.67
N LEU B 154 -7.35 -10.25 -1.45
CA LEU B 154 -6.50 -9.15 -1.06
C LEU B 154 -5.17 -9.20 -1.82
N THR B 155 -4.66 -10.42 -2.04
CA THR B 155 -3.39 -10.57 -2.74
C THR B 155 -3.53 -10.10 -4.19
N LEU B 156 -4.57 -10.58 -4.87
CA LEU B 156 -4.80 -10.20 -6.25
C LEU B 156 -4.94 -8.68 -6.41
N HIS B 157 -5.78 -8.08 -5.58
CA HIS B 157 -5.98 -6.64 -5.66
C HIS B 157 -4.73 -5.81 -5.43
N ARG B 158 -3.92 -6.18 -4.44
CA ARG B 158 -2.70 -5.45 -4.19
C ARG B 158 -1.70 -5.67 -5.34
N ALA B 159 -1.63 -6.90 -5.83
CA ALA B 159 -0.71 -7.20 -6.92
C ALA B 159 -1.00 -6.44 -8.21
N LEU B 160 -2.27 -6.26 -8.55
CA LEU B 160 -2.60 -5.57 -9.80
C LEU B 160 -3.01 -4.11 -9.65
N ALA B 161 -2.89 -3.58 -8.44
CA ALA B 161 -3.29 -2.20 -8.19
C ALA B 161 -2.27 -1.19 -8.67
N ARG B 162 -2.74 0.01 -8.96
CA ARG B 162 -1.85 1.07 -9.40
C ARG B 162 -1.11 1.51 -8.14
N GLU B 163 -1.86 1.62 -7.04
CA GLU B 163 -1.32 2.01 -5.74
C GLU B 163 -1.87 1.02 -4.71
N PRO B 164 -1.15 -0.11 -4.50
CA PRO B 164 -1.59 -1.12 -3.54
C PRO B 164 -1.94 -0.57 -2.16
N HIS B 165 -3.11 -0.96 -1.64
CA HIS B 165 -3.55 -0.49 -0.33
C HIS B 165 -2.55 -0.83 0.77
N GLY B 166 -2.64 -0.10 1.88
CA GLY B 166 -1.73 -0.30 2.98
C GLY B 166 -1.96 -1.53 3.81
N ARG B 167 -0.95 -1.88 4.59
CA ARG B 167 -1.00 -3.03 5.46
C ARG B 167 -2.12 -2.90 6.48
N ALA B 168 -2.36 -1.66 6.92
CA ALA B 168 -3.41 -1.40 7.91
C ALA B 168 -4.75 -1.96 7.44
N LEU B 169 -5.08 -1.76 6.17
CA LEU B 169 -6.34 -2.26 5.65
C LEU B 169 -6.32 -3.80 5.58
N THR B 170 -5.18 -4.35 5.18
CA THR B 170 -5.03 -5.79 5.08
C THR B 170 -5.27 -6.43 6.45
N LEU B 171 -4.64 -5.86 7.47
CA LEU B 171 -4.74 -6.33 8.84
C LEU B 171 -6.18 -6.29 9.34
N GLU B 172 -6.83 -5.15 9.12
CA GLU B 172 -8.21 -4.95 9.53
C GLU B 172 -9.15 -5.98 8.91
N ALA B 173 -9.05 -6.18 7.60
CA ALA B 173 -9.92 -7.15 6.94
C ALA B 173 -9.75 -8.53 7.57
N ILE B 174 -8.50 -8.89 7.81
CA ILE B 174 -8.16 -10.18 8.40
C ILE B 174 -8.77 -10.26 9.80
N ALA B 175 -8.59 -9.19 10.58
CA ALA B 175 -9.15 -9.18 11.94
C ALA B 175 -10.68 -9.36 11.90
N ARG B 176 -11.35 -8.73 10.94
CA ARG B 176 -12.81 -8.84 10.87
C ARG B 176 -13.30 -10.24 10.47
N ILE B 177 -12.66 -10.82 9.46
CA ILE B 177 -13.05 -12.12 8.96
C ILE B 177 -12.74 -13.24 9.97
N THR B 178 -11.76 -13.00 10.85
CA THR B 178 -11.40 -13.99 11.85
C THR B 178 -12.01 -13.68 13.23
N THR B 179 -13.02 -12.83 13.25
CA THR B 179 -13.70 -12.52 14.50
C THR B 179 -14.89 -13.46 14.63
N THR B 180 -14.78 -14.40 15.56
CA THR B 180 -15.84 -15.36 15.82
C THR B 180 -16.45 -14.98 17.16
N ASP B 181 -17.71 -14.54 17.14
CA ASP B 181 -18.37 -14.17 18.37
C ASP B 181 -18.88 -15.41 19.07
N ARG B 182 -17.97 -16.30 19.46
CA ARG B 182 -18.36 -17.53 20.14
C ARG B 182 -17.22 -18.17 20.95
N PRO B 183 -16.92 -17.62 22.15
CA PRO B 183 -15.85 -18.20 22.97
C PRO B 183 -16.37 -19.35 23.84
N GLN C 9 -11.01 2.34 -34.30
CA GLN C 9 -11.05 0.88 -33.98
C GLN C 9 -12.50 0.48 -33.72
N ARG C 10 -13.26 0.42 -34.81
CA ARG C 10 -14.67 0.07 -34.74
C ARG C 10 -14.93 -1.40 -35.03
N ARG C 11 -15.98 -1.68 -35.80
CA ARG C 11 -16.37 -3.04 -36.14
C ARG C 11 -16.54 -3.86 -34.87
N GLU C 12 -17.75 -3.80 -34.33
CA GLU C 12 -18.09 -4.51 -33.10
C GLU C 12 -17.96 -6.02 -33.30
N ARG C 13 -18.10 -6.47 -34.53
CA ARG C 13 -17.99 -7.89 -34.83
C ARG C 13 -16.59 -8.42 -34.55
N ILE C 14 -15.58 -7.64 -34.95
CA ILE C 14 -14.19 -8.03 -34.72
C ILE C 14 -13.90 -8.16 -33.23
N LEU C 15 -14.37 -7.19 -32.45
CA LEU C 15 -14.16 -7.17 -31.01
C LEU C 15 -14.82 -8.37 -30.37
N ALA C 16 -16.09 -8.61 -30.76
CA ALA C 16 -16.88 -9.72 -30.24
C ALA C 16 -16.18 -11.04 -30.53
N ALA C 17 -15.74 -11.21 -31.78
CA ALA C 17 -15.05 -12.42 -32.20
C ALA C 17 -13.73 -12.60 -31.46
N THR C 18 -13.03 -11.51 -31.19
CA THR C 18 -11.76 -11.56 -30.47
C THR C 18 -12.03 -12.18 -29.09
N LEU C 19 -13.11 -11.73 -28.46
CA LEU C 19 -13.49 -12.22 -27.15
C LEU C 19 -13.87 -13.70 -27.22
N ASP C 20 -14.64 -14.08 -28.24
CA ASP C 20 -15.04 -15.47 -28.41
C ASP C 20 -13.81 -16.36 -28.53
N LEU C 21 -12.81 -15.90 -29.30
CA LEU C 21 -11.59 -16.68 -29.50
C LEU C 21 -10.80 -16.84 -28.20
N ILE C 22 -10.58 -15.75 -27.50
CA ILE C 22 -9.83 -15.83 -26.25
C ILE C 22 -10.51 -16.82 -25.32
N ALA C 23 -11.82 -16.70 -25.17
CA ALA C 23 -12.58 -17.59 -24.29
C ALA C 23 -12.44 -19.06 -24.67
N GLU C 24 -12.56 -19.35 -25.96
CA GLU C 24 -12.48 -20.73 -26.43
C GLU C 24 -11.07 -21.31 -26.54
N GLU C 25 -10.17 -20.58 -27.18
CA GLU C 25 -8.82 -21.07 -27.42
C GLU C 25 -7.67 -20.50 -26.59
N GLY C 26 -7.93 -19.47 -25.81
CA GLY C 26 -6.84 -18.90 -25.03
C GLY C 26 -6.25 -17.71 -25.75
N ILE C 27 -5.67 -16.79 -24.97
CA ILE C 27 -5.09 -15.57 -25.49
C ILE C 27 -3.94 -15.71 -26.49
N ALA C 28 -3.19 -16.81 -26.39
CA ALA C 28 -2.07 -17.02 -27.30
C ALA C 28 -2.53 -17.27 -28.74
N ARG C 29 -3.76 -17.72 -28.89
CA ARG C 29 -4.32 -18.02 -30.20
C ARG C 29 -4.89 -16.83 -30.96
N VAL C 30 -4.78 -15.63 -30.39
CA VAL C 30 -5.31 -14.45 -31.04
C VAL C 30 -4.47 -13.99 -32.23
N SER C 31 -5.01 -14.15 -33.43
CA SER C 31 -4.31 -13.72 -34.63
C SER C 31 -5.30 -13.07 -35.57
N HIS C 32 -4.81 -12.17 -36.43
CA HIS C 32 -5.68 -11.49 -37.38
C HIS C 32 -6.40 -12.50 -38.25
N ARG C 33 -5.67 -13.51 -38.70
CA ARG C 33 -6.25 -14.54 -39.55
C ARG C 33 -7.41 -15.25 -38.89
N ARG C 34 -7.23 -15.72 -37.66
CA ARG C 34 -8.32 -16.43 -37.01
C ARG C 34 -9.51 -15.53 -36.66
N ILE C 35 -9.23 -14.30 -36.22
CA ILE C 35 -10.29 -13.37 -35.88
C ILE C 35 -11.07 -12.94 -37.12
N ALA C 36 -10.35 -12.67 -38.21
CA ALA C 36 -11.00 -12.27 -39.45
C ALA C 36 -11.98 -13.35 -39.88
N GLN C 37 -11.58 -14.61 -39.75
CA GLN C 37 -12.43 -15.74 -40.12
C GLN C 37 -13.67 -15.83 -39.25
N ARG C 38 -13.49 -15.64 -37.94
CA ARG C 38 -14.58 -15.71 -36.99
C ARG C 38 -15.54 -14.53 -37.19
N ALA C 39 -14.98 -13.35 -37.42
CA ALA C 39 -15.77 -12.13 -37.61
C ALA C 39 -16.51 -12.12 -38.95
N GLY C 40 -16.00 -12.86 -39.92
CA GLY C 40 -16.65 -12.88 -41.22
C GLY C 40 -16.31 -11.65 -42.04
N VAL C 41 -15.22 -10.98 -41.69
CA VAL C 41 -14.79 -9.80 -42.41
C VAL C 41 -13.50 -10.14 -43.14
N PRO C 42 -13.11 -9.32 -44.14
CA PRO C 42 -11.87 -9.60 -44.88
C PRO C 42 -10.66 -9.33 -43.98
N LEU C 43 -9.55 -10.00 -44.27
CA LEU C 43 -8.33 -9.85 -43.49
C LEU C 43 -7.92 -8.38 -43.33
N GLY C 44 -8.05 -7.62 -44.42
CA GLY C 44 -7.68 -6.22 -44.39
C GLY C 44 -8.40 -5.35 -43.37
N SER C 45 -9.62 -5.74 -43.00
CA SER C 45 -10.39 -4.99 -42.02
C SER C 45 -9.70 -4.90 -40.66
N MET C 46 -8.88 -5.90 -40.34
CA MET C 46 -8.18 -5.93 -39.06
C MET C 46 -7.22 -4.74 -38.91
N THR C 47 -6.30 -4.59 -39.86
CA THR C 47 -5.32 -3.51 -39.82
C THR C 47 -5.86 -2.16 -40.26
N TYR C 48 -7.12 -2.16 -40.71
CA TYR C 48 -7.79 -0.92 -41.11
C TYR C 48 -8.34 -0.33 -39.82
N HIS C 49 -8.77 -1.20 -38.91
CA HIS C 49 -9.38 -0.78 -37.65
C HIS C 49 -8.46 -0.79 -36.42
N PHE C 50 -7.42 -1.61 -36.42
CA PHE C 50 -6.53 -1.69 -35.27
C PHE C 50 -5.06 -1.56 -35.62
N THR C 51 -4.32 -0.83 -34.80
CA THR C 51 -2.90 -0.60 -35.01
C THR C 51 -2.08 -1.87 -34.82
N GLY C 52 -2.68 -2.84 -34.16
CA GLY C 52 -2.01 -4.11 -33.91
C GLY C 52 -2.72 -4.88 -32.80
N ILE C 53 -2.32 -6.12 -32.57
CA ILE C 53 -2.92 -6.96 -31.55
C ILE C 53 -3.05 -6.25 -30.20
N GLU C 54 -2.05 -5.47 -29.84
CA GLU C 54 -2.04 -4.73 -28.58
C GLU C 54 -3.32 -3.88 -28.43
N GLN C 55 -3.56 -3.01 -29.41
CA GLN C 55 -4.74 -2.16 -29.37
C GLN C 55 -6.01 -3.00 -29.36
N LEU C 56 -6.05 -3.99 -30.25
CA LEU C 56 -7.20 -4.88 -30.37
C LEU C 56 -7.55 -5.54 -29.04
N LEU C 57 -6.51 -6.03 -28.35
CA LEU C 57 -6.67 -6.69 -27.08
C LEU C 57 -7.22 -5.72 -26.04
N ARG C 58 -6.69 -4.51 -26.04
CA ARG C 58 -7.11 -3.48 -25.10
C ARG C 58 -8.60 -3.20 -25.26
N GLU C 59 -9.04 -2.98 -26.48
CA GLU C 59 -10.45 -2.69 -26.72
C GLU C 59 -11.40 -3.86 -26.54
N ALA C 60 -10.98 -5.07 -26.90
CA ALA C 60 -11.82 -6.24 -26.74
C ALA C 60 -12.09 -6.43 -25.24
N PHE C 61 -11.01 -6.45 -24.46
CA PHE C 61 -11.12 -6.61 -23.02
C PHE C 61 -11.78 -5.38 -22.41
N GLY C 62 -11.77 -4.28 -23.16
CA GLY C 62 -12.41 -3.07 -22.68
C GLY C 62 -13.90 -3.31 -22.69
N ARG C 63 -14.38 -3.94 -23.77
CA ARG C 63 -15.78 -4.26 -23.91
C ARG C 63 -16.22 -5.30 -22.86
N PHE C 64 -15.33 -6.24 -22.55
CA PHE C 64 -15.64 -7.28 -21.57
C PHE C 64 -15.78 -6.62 -20.21
N THR C 65 -14.87 -5.71 -19.92
CA THR C 65 -14.88 -4.98 -18.67
C THR C 65 -16.20 -4.21 -18.53
N ASP C 66 -16.67 -3.61 -19.61
CA ASP C 66 -17.92 -2.86 -19.59
C ASP C 66 -19.04 -3.82 -19.21
N HIS C 67 -18.92 -5.06 -19.64
CA HIS C 67 -19.91 -6.09 -19.35
C HIS C 67 -19.92 -6.42 -17.86
N ILE C 68 -18.74 -6.60 -17.28
CA ILE C 68 -18.63 -6.95 -15.88
C ILE C 68 -19.12 -5.82 -14.98
N VAL C 69 -18.77 -4.58 -15.33
CA VAL C 69 -19.18 -3.41 -14.56
C VAL C 69 -20.71 -3.36 -14.50
N ALA C 70 -21.35 -3.73 -15.61
CA ALA C 70 -22.81 -3.75 -15.72
C ALA C 70 -23.40 -4.77 -14.75
N VAL C 71 -22.81 -5.95 -14.69
CA VAL C 71 -23.28 -7.00 -13.78
C VAL C 71 -23.21 -6.52 -12.33
N PHE C 72 -22.18 -5.75 -12.01
CA PHE C 72 -22.04 -5.22 -10.66
C PHE C 72 -23.16 -4.21 -10.44
N ASP C 73 -23.41 -3.39 -11.46
CA ASP C 73 -24.45 -2.38 -11.38
C ASP C 73 -25.83 -3.02 -11.21
N GLU C 74 -26.14 -3.97 -12.08
CA GLU C 74 -27.41 -4.66 -12.02
C GLU C 74 -27.72 -5.20 -10.63
N HIS C 75 -26.75 -5.87 -10.02
CA HIS C 75 -26.96 -6.43 -8.69
C HIS C 75 -26.94 -5.42 -7.54
N LEU C 76 -25.85 -4.68 -7.43
CA LEU C 76 -25.65 -3.70 -6.36
C LEU C 76 -26.37 -2.36 -6.50
N GLY C 77 -26.70 -1.98 -7.72
CA GLY C 77 -27.37 -0.71 -7.93
C GLY C 77 -28.74 -0.60 -7.31
N ALA C 78 -29.45 -1.72 -7.23
CA ALA C 78 -30.80 -1.74 -6.67
C ALA C 78 -30.86 -1.66 -5.14
N ALA C 79 -29.89 -2.26 -4.46
CA ALA C 79 -29.85 -2.28 -3.00
C ALA C 79 -30.39 -1.01 -2.32
N ALA C 80 -31.37 -1.20 -1.43
CA ALA C 80 -31.99 -0.11 -0.70
C ALA C 80 -31.30 0.20 0.62
N ASP C 81 -30.80 -0.84 1.29
CA ASP C 81 -30.11 -0.68 2.56
C ASP C 81 -28.94 -1.66 2.67
N ARG C 82 -28.31 -1.71 3.84
CA ARG C 82 -27.18 -2.60 4.06
C ARG C 82 -27.56 -4.07 3.95
N ASP C 83 -28.71 -4.42 4.52
CA ASP C 83 -29.18 -5.80 4.49
C ASP C 83 -29.40 -6.28 3.06
N GLU C 84 -29.95 -5.42 2.21
CA GLU C 84 -30.18 -5.79 0.82
C GLU C 84 -28.85 -5.80 0.08
N ALA C 85 -27.94 -4.94 0.51
CA ALA C 85 -26.63 -4.85 -0.11
C ALA C 85 -25.86 -6.15 0.08
N ARG C 86 -25.90 -6.69 1.30
CA ARG C 86 -25.21 -7.93 1.60
C ARG C 86 -25.78 -9.07 0.77
N GLU C 87 -27.12 -9.14 0.75
CA GLU C 87 -27.80 -10.19 -0.01
C GLU C 87 -27.43 -10.06 -1.48
N ALA C 88 -27.44 -8.83 -1.99
CA ALA C 88 -27.11 -8.58 -3.39
C ALA C 88 -25.67 -9.03 -3.68
N VAL C 89 -24.74 -8.70 -2.78
CA VAL C 89 -23.35 -9.10 -2.96
C VAL C 89 -23.27 -10.62 -3.05
N ALA C 90 -23.99 -11.29 -2.17
CA ALA C 90 -23.99 -12.74 -2.16
C ALA C 90 -24.48 -13.20 -3.53
N ASP C 91 -25.55 -12.56 -4.01
CA ASP C 91 -26.10 -12.88 -5.32
C ASP C 91 -25.00 -12.71 -6.37
N LEU C 92 -24.38 -11.54 -6.40
CA LEU C 92 -23.33 -11.26 -7.37
C LEU C 92 -22.23 -12.35 -7.35
N VAL C 93 -21.71 -12.63 -6.15
CA VAL C 93 -20.67 -13.64 -5.98
C VAL C 93 -21.04 -14.96 -6.63
N HIS C 94 -22.24 -15.45 -6.33
CA HIS C 94 -22.68 -16.72 -6.88
C HIS C 94 -22.93 -16.67 -8.39
N GLU C 95 -23.42 -15.55 -8.90
CA GLU C 95 -23.63 -15.46 -10.34
C GLU C 95 -22.29 -15.46 -11.07
N LEU C 96 -21.37 -14.62 -10.59
CA LEU C 96 -20.04 -14.51 -11.21
C LEU C 96 -19.26 -15.81 -11.21
N SER C 97 -19.49 -16.64 -10.20
CA SER C 97 -18.74 -17.90 -10.09
C SER C 97 -19.42 -19.14 -10.65
N GLU C 98 -20.74 -19.14 -10.76
CA GLU C 98 -21.42 -20.33 -11.30
C GLU C 98 -22.63 -20.06 -12.20
N ASP C 99 -22.42 -19.31 -13.27
CA ASP C 99 -23.48 -19.00 -14.23
C ASP C 99 -22.91 -18.80 -15.64
N SER C 100 -21.64 -18.45 -15.73
CA SER C 100 -21.01 -18.24 -17.04
C SER C 100 -19.52 -18.61 -17.08
N GLN C 101 -19.23 -19.79 -17.63
CA GLN C 101 -17.85 -20.25 -17.76
C GLN C 101 -17.09 -19.29 -18.66
N ARG C 102 -17.77 -18.80 -19.70
CA ARG C 102 -17.16 -17.84 -20.62
C ARG C 102 -16.61 -16.67 -19.82
N ASP C 103 -17.50 -16.03 -19.07
CA ASP C 103 -17.12 -14.87 -18.25
C ASP C 103 -16.00 -15.21 -17.27
N LEU C 104 -16.04 -16.39 -16.67
CA LEU C 104 -15.00 -16.79 -15.73
C LEU C 104 -13.66 -16.88 -16.45
N VAL C 105 -13.67 -17.53 -17.61
CA VAL C 105 -12.46 -17.69 -18.40
C VAL C 105 -11.91 -16.33 -18.84
N LEU C 106 -12.76 -15.50 -19.44
CA LEU C 106 -12.32 -14.19 -19.89
C LEU C 106 -11.76 -13.39 -18.73
N THR C 107 -12.39 -13.49 -17.57
CA THR C 107 -11.91 -12.79 -16.38
C THR C 107 -10.50 -13.29 -16.03
N GLN C 108 -10.28 -14.59 -16.08
CA GLN C 108 -8.95 -15.14 -15.76
C GLN C 108 -7.91 -14.81 -16.82
N GLU C 109 -8.33 -14.76 -18.08
CA GLU C 109 -7.40 -14.42 -19.13
C GLU C 109 -6.93 -12.98 -18.93
N LEU C 110 -7.87 -12.10 -18.57
CA LEU C 110 -7.51 -10.69 -18.36
C LEU C 110 -6.57 -10.52 -17.17
N TYR C 111 -6.79 -11.29 -16.10
CA TYR C 111 -5.93 -11.18 -14.93
C TYR C 111 -4.50 -11.56 -15.28
N THR C 112 -4.37 -12.62 -16.08
CA THR C 112 -3.05 -13.08 -16.49
C THR C 112 -2.38 -12.03 -17.35
N LEU C 113 -3.11 -11.49 -18.32
CA LEU C 113 -2.56 -10.45 -19.19
C LEU C 113 -2.13 -9.25 -18.34
N ALA C 114 -3.04 -8.80 -17.47
CA ALA C 114 -2.76 -7.67 -16.59
C ALA C 114 -1.56 -7.96 -15.69
N ALA C 115 -1.37 -9.22 -15.34
CA ALA C 115 -0.23 -9.59 -14.50
C ALA C 115 1.07 -9.38 -15.26
N ARG C 116 1.11 -9.87 -16.50
CA ARG C 116 2.29 -9.76 -17.35
C ARG C 116 2.55 -8.34 -17.84
N GLN C 117 1.49 -7.68 -18.30
CA GLN C 117 1.61 -6.32 -18.82
C GLN C 117 0.75 -5.35 -18.04
N PRO C 118 1.34 -4.65 -17.07
CA PRO C 118 0.65 -3.68 -16.22
C PRO C 118 -0.30 -2.71 -16.92
N ALA C 119 -0.15 -2.56 -18.23
CA ALA C 119 -1.00 -1.65 -18.97
C ALA C 119 -2.47 -2.06 -18.92
N TYR C 120 -2.73 -3.35 -18.77
CA TYR C 120 -4.11 -3.83 -18.74
C TYR C 120 -4.74 -3.81 -17.36
N ARG C 121 -3.95 -3.52 -16.34
CA ARG C 121 -4.43 -3.46 -14.96
C ARG C 121 -5.58 -2.48 -14.78
N GLU C 122 -5.50 -1.34 -15.45
CA GLU C 122 -6.53 -0.32 -15.37
C GLU C 122 -7.93 -0.86 -15.74
N LEU C 123 -7.99 -1.84 -16.63
CA LEU C 123 -9.27 -2.40 -17.01
C LEU C 123 -9.95 -3.15 -15.87
N THR C 124 -9.16 -3.83 -15.05
CA THR C 124 -9.70 -4.58 -13.92
C THR C 124 -10.23 -3.59 -12.88
N HIS C 125 -9.49 -2.50 -12.68
CA HIS C 125 -9.84 -1.46 -11.71
C HIS C 125 -11.23 -0.87 -11.94
N GLU C 126 -11.75 -1.00 -13.15
CA GLU C 126 -13.05 -0.44 -13.48
C GLU C 126 -14.24 -1.11 -12.77
N TRP C 127 -14.24 -2.43 -12.68
CA TRP C 127 -15.33 -3.08 -11.97
C TRP C 127 -15.05 -2.97 -10.48
N MET C 128 -13.77 -2.81 -10.15
CA MET C 128 -13.38 -2.65 -8.75
C MET C 128 -13.95 -1.31 -8.29
N ARG C 129 -13.71 -0.26 -9.08
CA ARG C 129 -14.21 1.08 -8.77
C ARG C 129 -15.72 1.11 -8.61
N ARG C 130 -16.44 0.57 -9.59
CA ARG C 130 -17.90 0.60 -9.52
C ARG C 130 -18.39 -0.16 -8.31
N SER C 131 -17.75 -1.29 -8.03
CA SER C 131 -18.10 -2.12 -6.90
C SER C 131 -18.09 -1.24 -5.65
N ARG C 132 -17.00 -0.49 -5.49
CA ARG C 132 -16.87 0.40 -4.35
C ARG C 132 -17.85 1.56 -4.41
N VAL C 133 -18.05 2.09 -5.61
CA VAL C 133 -18.99 3.19 -5.78
C VAL C 133 -20.33 2.82 -5.19
N HIS C 134 -20.81 1.61 -5.50
CA HIS C 134 -22.08 1.13 -4.99
C HIS C 134 -22.05 0.75 -3.51
N LEU C 135 -20.99 0.05 -3.10
CA LEU C 135 -20.85 -0.39 -1.72
C LEU C 135 -20.74 0.79 -0.75
N GLU C 136 -20.12 1.87 -1.22
CA GLU C 136 -19.95 3.06 -0.39
C GLU C 136 -21.30 3.73 -0.16
N LYS C 137 -22.32 3.26 -0.87
CA LYS C 137 -23.67 3.80 -0.73
C LYS C 137 -24.23 3.36 0.63
N HIS C 138 -23.69 2.27 1.17
CA HIS C 138 -24.16 1.76 2.47
C HIS C 138 -23.04 1.55 3.47
N PHE C 139 -21.83 1.29 2.99
CA PHE C 139 -20.69 1.05 3.85
C PHE C 139 -19.62 2.13 3.70
N ASP C 140 -18.86 2.36 4.76
CA ASP C 140 -17.81 3.37 4.71
C ASP C 140 -16.82 2.95 3.64
N PRO C 141 -16.01 3.89 3.13
CA PRO C 141 -15.03 3.59 2.08
C PRO C 141 -14.12 2.38 2.38
N GLY C 142 -13.61 2.30 3.61
CA GLY C 142 -12.72 1.20 3.98
C GLY C 142 -13.42 -0.14 3.86
N THR C 143 -14.57 -0.24 4.49
CA THR C 143 -15.37 -1.44 4.45
C THR C 143 -15.62 -1.86 2.99
N ALA C 144 -16.07 -0.91 2.17
CA ALA C 144 -16.34 -1.20 0.76
C ALA C 144 -15.12 -1.80 0.04
N ARG C 145 -13.93 -1.30 0.34
CA ARG C 145 -12.72 -1.80 -0.29
C ARG C 145 -12.37 -3.20 0.20
N GLN C 146 -12.54 -3.46 1.49
CA GLN C 146 -12.24 -4.78 2.03
C GLN C 146 -13.21 -5.79 1.43
N LEU C 147 -14.47 -5.40 1.35
CA LEU C 147 -15.52 -6.24 0.80
C LEU C 147 -15.28 -6.58 -0.65
N ASP C 148 -14.79 -5.63 -1.44
CA ASP C 148 -14.54 -5.90 -2.84
C ASP C 148 -13.46 -6.98 -3.00
N ALA C 149 -12.45 -6.93 -2.14
CA ALA C 149 -11.38 -7.92 -2.15
C ALA C 149 -11.94 -9.29 -1.78
N LEU C 150 -12.91 -9.31 -0.86
CA LEU C 150 -13.54 -10.56 -0.45
C LEU C 150 -14.39 -11.10 -1.58
N ILE C 151 -15.17 -10.24 -2.21
CA ILE C 151 -16.01 -10.64 -3.34
C ILE C 151 -15.10 -11.37 -4.32
N GLU C 152 -13.94 -10.77 -4.58
CA GLU C 152 -12.95 -11.31 -5.50
C GLU C 152 -12.48 -12.72 -5.11
N GLY C 153 -12.07 -12.87 -3.84
CA GLY C 153 -11.60 -14.17 -3.37
C GLY C 153 -12.68 -15.24 -3.29
N LEU C 154 -13.88 -14.85 -2.89
CA LEU C 154 -14.99 -15.79 -2.77
C LEU C 154 -15.39 -16.32 -4.13
N THR C 155 -15.42 -15.42 -5.11
CA THR C 155 -15.79 -15.80 -6.47
C THR C 155 -14.76 -16.77 -7.01
N LEU C 156 -13.50 -16.47 -6.75
CA LEU C 156 -12.41 -17.32 -7.21
C LEU C 156 -12.50 -18.71 -6.58
N HIS C 157 -12.58 -18.78 -5.25
CA HIS C 157 -12.65 -20.08 -4.59
C HIS C 157 -13.88 -20.87 -5.00
N ARG C 158 -15.04 -20.20 -5.11
CA ARG C 158 -16.23 -20.92 -5.53
C ARG C 158 -16.07 -21.45 -6.95
N ALA C 159 -15.54 -20.62 -7.84
CA ALA C 159 -15.36 -20.99 -9.25
C ALA C 159 -14.42 -22.18 -9.49
N LEU C 160 -13.25 -22.15 -8.86
CA LEU C 160 -12.26 -23.22 -9.04
C LEU C 160 -12.22 -24.26 -7.94
N ALA C 161 -13.31 -24.39 -7.18
CA ALA C 161 -13.35 -25.38 -6.11
C ALA C 161 -13.95 -26.67 -6.64
N ARG C 162 -13.45 -27.81 -6.16
CA ARG C 162 -13.96 -29.10 -6.60
C ARG C 162 -15.48 -28.99 -6.57
N GLU C 163 -16.00 -28.46 -5.46
CA GLU C 163 -17.44 -28.23 -5.29
C GLU C 163 -17.53 -26.88 -4.57
N PRO C 164 -18.01 -25.84 -5.27
CA PRO C 164 -18.14 -24.53 -4.65
C PRO C 164 -18.85 -24.57 -3.30
N HIS C 165 -18.53 -23.64 -2.41
CA HIS C 165 -19.19 -23.61 -1.10
C HIS C 165 -20.55 -22.93 -1.25
N GLY C 166 -21.39 -23.03 -0.23
CA GLY C 166 -22.72 -22.45 -0.31
C GLY C 166 -22.94 -20.98 0.01
N ARG C 167 -24.17 -20.52 -0.21
CA ARG C 167 -24.57 -19.14 0.05
C ARG C 167 -24.45 -18.71 1.51
N ALA C 168 -24.79 -19.58 2.45
CA ALA C 168 -24.73 -19.22 3.86
C ALA C 168 -23.32 -18.86 4.30
N LEU C 169 -22.33 -19.54 3.76
CA LEU C 169 -20.95 -19.25 4.13
C LEU C 169 -20.50 -17.90 3.55
N THR C 170 -20.81 -17.63 2.29
CA THR C 170 -20.38 -16.36 1.73
C THR C 170 -21.10 -15.21 2.43
N LEU C 171 -22.38 -15.41 2.69
CA LEU C 171 -23.19 -14.41 3.39
C LEU C 171 -22.56 -14.17 4.75
N GLU C 172 -22.08 -15.26 5.35
CA GLU C 172 -21.43 -15.20 6.66
C GLU C 172 -20.19 -14.31 6.60
N ALA C 173 -19.35 -14.53 5.59
CA ALA C 173 -18.12 -13.76 5.43
C ALA C 173 -18.42 -12.31 5.11
N ILE C 174 -19.47 -12.08 4.33
CA ILE C 174 -19.84 -10.72 3.98
C ILE C 174 -20.21 -9.97 5.25
N ALA C 175 -20.94 -10.63 6.13
CA ALA C 175 -21.38 -10.01 7.38
C ALA C 175 -20.20 -9.66 8.30
N ARG C 176 -19.24 -10.56 8.41
CA ARG C 176 -18.08 -10.30 9.28
C ARG C 176 -17.26 -9.12 8.72
N ILE C 177 -16.98 -9.15 7.43
CA ILE C 177 -16.20 -8.09 6.79
C ILE C 177 -16.90 -6.72 6.86
N THR C 178 -18.23 -6.73 6.97
CA THR C 178 -18.96 -5.47 7.03
C THR C 178 -19.37 -5.05 8.43
N THR C 179 -18.76 -5.65 9.44
CA THR C 179 -19.04 -5.30 10.83
C THR C 179 -17.91 -4.37 11.27
N THR C 180 -18.26 -3.18 11.74
CA THR C 180 -17.25 -2.19 12.16
C THR C 180 -17.54 -1.66 13.56
N ASP C 181 -16.64 -0.81 14.05
CA ASP C 181 -16.81 -0.20 15.36
C ASP C 181 -17.64 1.07 15.16
N ARG C 182 -17.84 1.44 13.90
CA ARG C 182 -18.62 2.61 13.51
C ARG C 182 -20.12 2.33 13.63
N PRO D 8 41.01 2.00 18.87
CA PRO D 8 40.47 2.29 17.53
C PRO D 8 38.96 2.51 17.52
N GLN D 9 38.58 3.78 17.42
CA GLN D 9 37.19 4.20 17.41
C GLN D 9 36.63 4.22 15.98
N ARG D 10 37.08 3.30 15.14
CA ARG D 10 36.59 3.28 13.77
C ARG D 10 35.06 3.17 13.71
N ARG D 11 34.51 2.25 14.49
CA ARG D 11 33.07 2.07 14.52
C ARG D 11 32.36 3.37 14.84
N GLU D 12 32.85 4.08 15.84
CA GLU D 12 32.27 5.35 16.26
C GLU D 12 32.38 6.39 15.15
N ARG D 13 33.55 6.48 14.54
CA ARG D 13 33.75 7.44 13.46
C ARG D 13 32.81 7.17 12.30
N ILE D 14 32.59 5.89 12.01
CA ILE D 14 31.69 5.52 10.91
C ILE D 14 30.28 5.98 11.22
N LEU D 15 29.81 5.70 12.42
CA LEU D 15 28.48 6.09 12.84
C LEU D 15 28.35 7.60 12.78
N ALA D 16 29.41 8.29 13.20
CA ALA D 16 29.43 9.74 13.20
C ALA D 16 29.39 10.27 11.77
N ALA D 17 30.23 9.71 10.91
CA ALA D 17 30.28 10.15 9.53
C ALA D 17 28.94 9.90 8.84
N THR D 18 28.25 8.82 9.23
CA THR D 18 26.96 8.51 8.61
C THR D 18 25.94 9.63 8.86
N LEU D 19 25.82 10.03 10.12
CA LEU D 19 24.89 11.10 10.48
C LEU D 19 25.28 12.39 9.78
N ASP D 20 26.59 12.65 9.73
CA ASP D 20 27.11 13.85 9.09
C ASP D 20 26.73 13.89 7.60
N LEU D 21 26.92 12.77 6.92
CA LEU D 21 26.62 12.67 5.50
C LEU D 21 25.13 12.87 5.27
N ILE D 22 24.31 12.18 6.05
CA ILE D 22 22.87 12.28 5.94
C ILE D 22 22.46 13.74 6.19
N ALA D 23 22.99 14.32 7.26
CA ALA D 23 22.67 15.70 7.62
C ALA D 23 22.97 16.74 6.55
N GLU D 24 24.12 16.63 5.90
CA GLU D 24 24.45 17.63 4.88
C GLU D 24 24.22 17.24 3.42
N GLU D 25 24.26 15.96 3.11
CA GLU D 25 24.06 15.54 1.72
C GLU D 25 22.77 14.81 1.40
N GLY D 26 22.11 14.26 2.42
CA GLY D 26 20.87 13.56 2.16
C GLY D 26 21.01 12.05 2.22
N ILE D 27 19.94 11.39 2.60
CA ILE D 27 19.90 9.94 2.74
C ILE D 27 20.31 9.16 1.48
N ALA D 28 19.94 9.65 0.31
CA ALA D 28 20.29 8.94 -0.93
C ALA D 28 21.81 8.88 -1.18
N ARG D 29 22.57 9.74 -0.51
CA ARG D 29 24.00 9.77 -0.70
C ARG D 29 24.76 8.76 0.16
N VAL D 30 24.04 8.00 0.99
CA VAL D 30 24.69 7.02 1.83
C VAL D 30 25.04 5.76 1.06
N SER D 31 26.31 5.40 1.11
CA SER D 31 26.82 4.20 0.47
C SER D 31 28.04 3.86 1.29
N HIS D 32 28.45 2.60 1.27
CA HIS D 32 29.63 2.20 2.03
C HIS D 32 30.85 3.00 1.61
N ARG D 33 31.05 3.14 0.30
CA ARG D 33 32.17 3.88 -0.26
C ARG D 33 32.29 5.30 0.26
N ARG D 34 31.22 6.07 0.06
CA ARG D 34 31.20 7.47 0.50
C ARG D 34 31.40 7.61 2.00
N ILE D 35 30.71 6.79 2.79
CA ILE D 35 30.84 6.85 4.25
C ILE D 35 32.25 6.44 4.68
N ALA D 36 32.79 5.39 4.06
CA ALA D 36 34.16 4.97 4.39
C ALA D 36 35.09 6.16 4.16
N GLN D 37 34.85 6.89 3.07
CA GLN D 37 35.64 8.06 2.72
C GLN D 37 35.55 9.12 3.81
N ARG D 38 34.32 9.49 4.16
CA ARG D 38 34.05 10.48 5.19
C ARG D 38 34.71 10.15 6.50
N ALA D 39 34.60 8.89 6.91
CA ALA D 39 35.16 8.45 8.18
C ALA D 39 36.67 8.20 8.12
N GLY D 40 37.21 8.14 6.90
CA GLY D 40 38.64 7.89 6.75
C GLY D 40 39.03 6.49 7.17
N VAL D 41 38.20 5.51 6.81
CA VAL D 41 38.48 4.12 7.15
C VAL D 41 38.51 3.30 5.88
N PRO D 42 39.12 2.11 5.93
CA PRO D 42 39.19 1.25 4.73
C PRO D 42 37.80 0.67 4.41
N LEU D 43 37.48 0.59 3.11
CA LEU D 43 36.19 0.08 2.65
C LEU D 43 35.78 -1.19 3.38
N GLY D 44 36.77 -2.01 3.73
CA GLY D 44 36.47 -3.24 4.43
C GLY D 44 35.88 -3.06 5.82
N SER D 45 36.18 -1.94 6.46
CA SER D 45 35.65 -1.68 7.80
C SER D 45 34.12 -1.62 7.77
N MET D 46 33.56 -1.05 6.71
CA MET D 46 32.12 -0.93 6.57
C MET D 46 31.43 -2.29 6.58
N THR D 47 31.99 -3.24 5.84
CA THR D 47 31.41 -4.58 5.74
C THR D 47 31.75 -5.45 6.94
N TYR D 48 32.82 -5.09 7.65
CA TYR D 48 33.24 -5.86 8.81
C TYR D 48 32.47 -5.52 10.09
N HIS D 49 32.31 -4.23 10.36
CA HIS D 49 31.62 -3.82 11.57
C HIS D 49 30.09 -3.86 11.47
N PHE D 50 29.57 -3.80 10.25
CA PHE D 50 28.13 -3.84 10.06
C PHE D 50 27.69 -4.92 9.08
N THR D 51 26.50 -5.47 9.31
CA THR D 51 25.96 -6.52 8.44
C THR D 51 25.39 -5.93 7.15
N GLY D 52 25.36 -4.61 7.06
CA GLY D 52 24.85 -3.96 5.86
C GLY D 52 24.39 -2.54 6.12
N ILE D 53 23.86 -1.87 5.10
CA ILE D 53 23.41 -0.50 5.26
C ILE D 53 22.25 -0.37 6.25
N GLU D 54 21.42 -1.41 6.34
CA GLU D 54 20.30 -1.38 7.27
C GLU D 54 20.76 -1.28 8.72
N GLN D 55 21.61 -2.22 9.14
CA GLN D 55 22.12 -2.21 10.51
C GLN D 55 22.87 -0.91 10.81
N LEU D 56 23.54 -0.36 9.80
CA LEU D 56 24.29 0.86 9.97
C LEU D 56 23.40 2.09 10.21
N LEU D 57 22.35 2.22 9.41
CA LEU D 57 21.42 3.34 9.54
C LEU D 57 20.68 3.19 10.87
N ARG D 58 20.39 1.95 11.21
CA ARG D 58 19.69 1.62 12.43
C ARG D 58 20.52 2.13 13.63
N GLU D 59 21.81 1.85 13.63
CA GLU D 59 22.67 2.30 14.74
C GLU D 59 22.99 3.78 14.67
N ALA D 60 23.19 4.31 13.46
CA ALA D 60 23.49 5.73 13.32
C ALA D 60 22.34 6.54 13.86
N PHE D 61 21.14 6.32 13.31
CA PHE D 61 19.95 7.04 13.79
C PHE D 61 19.68 6.70 15.26
N GLY D 62 20.05 5.50 15.69
CA GLY D 62 19.86 5.13 17.07
C GLY D 62 20.66 6.08 17.96
N ARG D 63 21.83 6.51 17.49
CA ARG D 63 22.67 7.43 18.24
C ARG D 63 22.03 8.80 18.26
N PHE D 64 21.48 9.22 17.13
CA PHE D 64 20.82 10.52 17.04
C PHE D 64 19.66 10.61 18.03
N THR D 65 18.86 9.56 18.14
CA THR D 65 17.73 9.58 19.05
C THR D 65 18.20 9.61 20.49
N ASP D 66 19.39 9.05 20.75
CA ASP D 66 19.95 9.07 22.11
C ASP D 66 20.20 10.55 22.42
N HIS D 67 20.73 11.25 21.42
CA HIS D 67 21.05 12.66 21.54
C HIS D 67 19.79 13.47 21.89
N ILE D 68 18.70 13.21 21.19
CA ILE D 68 17.45 13.94 21.44
C ILE D 68 16.81 13.53 22.76
N VAL D 69 16.82 12.25 23.07
CA VAL D 69 16.24 11.79 24.33
C VAL D 69 16.99 12.45 25.47
N ALA D 70 18.29 12.67 25.25
CA ALA D 70 19.14 13.30 26.25
C ALA D 70 18.63 14.72 26.46
N VAL D 71 18.18 15.35 25.39
CA VAL D 71 17.66 16.71 25.50
C VAL D 71 16.36 16.72 26.29
N PHE D 72 15.49 15.75 26.05
CA PHE D 72 14.23 15.67 26.80
C PHE D 72 14.61 15.63 28.27
N ASP D 73 15.61 14.81 28.59
CA ASP D 73 16.09 14.72 29.96
C ASP D 73 16.86 16.02 30.10
N GLU D 74 17.17 16.42 31.32
CA GLU D 74 17.90 17.68 31.52
C GLU D 74 16.98 18.84 31.18
N HIS D 75 15.73 18.50 30.86
CA HIS D 75 14.71 19.50 30.55
C HIS D 75 13.55 19.16 31.44
N LEU D 76 13.07 17.94 31.32
CA LEU D 76 11.97 17.51 32.15
C LEU D 76 12.71 17.01 33.40
N GLY D 77 14.01 16.79 33.21
CA GLY D 77 14.86 16.26 34.27
C GLY D 77 14.82 16.94 35.61
N ALA D 78 14.82 18.26 35.56
CA ALA D 78 14.86 18.99 36.79
C ALA D 78 13.59 19.75 37.14
N ALA D 79 12.48 19.36 36.54
CA ALA D 79 11.25 20.07 36.88
C ALA D 79 10.86 19.33 38.16
N ALA D 80 10.37 20.03 39.17
CA ALA D 80 9.98 19.32 40.40
C ALA D 80 8.49 19.41 40.57
N ASP D 81 7.87 19.97 39.55
CA ASP D 81 6.45 20.23 39.54
C ASP D 81 5.80 19.87 38.22
N ARG D 82 4.48 19.79 38.25
CA ARG D 82 3.70 19.52 37.07
C ARG D 82 3.77 20.81 36.24
N ASP D 83 3.59 21.95 36.92
CA ASP D 83 3.65 23.23 36.24
C ASP D 83 5.07 23.55 35.78
N GLU D 84 6.07 23.20 36.58
CA GLU D 84 7.46 23.43 36.16
C GLU D 84 7.72 22.50 34.98
N ALA D 85 7.06 21.35 34.98
CA ALA D 85 7.20 20.38 33.90
C ALA D 85 6.65 20.97 32.60
N ARG D 86 5.50 21.63 32.70
CA ARG D 86 4.86 22.26 31.56
C ARG D 86 5.75 23.32 30.91
N GLU D 87 6.30 24.21 31.73
CA GLU D 87 7.19 25.26 31.24
C GLU D 87 8.44 24.65 30.61
N ALA D 88 8.90 23.53 31.17
CA ALA D 88 10.09 22.85 30.65
C ALA D 88 9.79 22.25 29.27
N VAL D 89 8.58 21.71 29.11
CA VAL D 89 8.17 21.13 27.83
C VAL D 89 8.10 22.24 26.80
N ALA D 90 7.63 23.40 27.22
CA ALA D 90 7.53 24.54 26.30
C ALA D 90 8.92 24.92 25.83
N ASP D 91 9.84 25.02 26.78
CA ASP D 91 11.23 25.37 26.49
C ASP D 91 11.81 24.32 25.55
N LEU D 92 11.48 23.05 25.81
CA LEU D 92 11.95 21.95 24.98
C LEU D 92 11.48 22.15 23.55
N VAL D 93 10.19 22.43 23.39
CA VAL D 93 9.61 22.65 22.07
C VAL D 93 10.30 23.75 21.28
N HIS D 94 10.53 24.90 21.92
CA HIS D 94 11.17 26.00 21.22
C HIS D 94 12.63 25.74 20.91
N GLU D 95 13.35 25.11 21.83
CA GLU D 95 14.75 24.78 21.61
C GLU D 95 14.87 23.76 20.47
N LEU D 96 13.96 22.79 20.48
CA LEU D 96 13.93 21.72 19.49
C LEU D 96 13.58 22.21 18.09
N SER D 97 13.05 23.42 17.99
CA SER D 97 12.65 23.98 16.69
C SER D 97 13.50 25.14 16.19
N GLU D 98 14.43 25.63 17.01
CA GLU D 98 15.24 26.78 16.61
C GLU D 98 16.77 26.61 16.67
N ASP D 99 17.24 25.94 17.71
CA ASP D 99 18.67 25.78 17.93
C ASP D 99 19.56 25.04 16.94
N SER D 100 19.09 23.93 16.38
CA SER D 100 19.93 23.16 15.46
C SER D 100 19.23 22.68 14.19
N GLN D 101 19.64 23.22 13.05
CA GLN D 101 19.05 22.81 11.78
C GLN D 101 19.49 21.39 11.47
N ARG D 102 20.65 21.00 11.98
CA ARG D 102 21.20 19.67 11.79
C ARG D 102 20.20 18.67 12.39
N ASP D 103 19.84 18.89 13.65
CA ASP D 103 18.90 18.03 14.33
C ASP D 103 17.53 18.03 13.65
N LEU D 104 17.14 19.17 13.09
CA LEU D 104 15.86 19.25 12.38
C LEU D 104 15.91 18.37 11.13
N VAL D 105 16.99 18.50 10.38
CA VAL D 105 17.16 17.72 9.16
C VAL D 105 17.26 16.22 9.48
N LEU D 106 18.03 15.87 10.51
CA LEU D 106 18.17 14.47 10.86
C LEU D 106 16.85 13.85 11.32
N THR D 107 16.02 14.62 12.04
CA THR D 107 14.75 14.06 12.48
C THR D 107 13.88 13.83 11.25
N GLN D 108 13.92 14.78 10.31
CA GLN D 108 13.11 14.64 9.10
C GLN D 108 13.59 13.49 8.24
N GLU D 109 14.90 13.32 8.13
CA GLU D 109 15.44 12.22 7.33
C GLU D 109 14.98 10.89 7.95
N LEU D 110 15.02 10.78 9.28
CA LEU D 110 14.57 9.56 9.95
C LEU D 110 13.09 9.34 9.68
N TYR D 111 12.29 10.41 9.74
CA TYR D 111 10.86 10.28 9.49
C TYR D 111 10.55 9.78 8.07
N THR D 112 11.32 10.25 7.09
CA THR D 112 11.10 9.82 5.71
C THR D 112 11.47 8.34 5.53
N LEU D 113 12.59 7.94 6.13
CA LEU D 113 13.05 6.55 6.04
C LEU D 113 12.03 5.60 6.66
N ALA D 114 11.52 5.95 7.84
CA ALA D 114 10.53 5.11 8.52
C ALA D 114 9.21 5.06 7.74
N ALA D 115 8.86 6.16 7.08
CA ALA D 115 7.63 6.18 6.28
C ALA D 115 7.76 5.20 5.11
N ARG D 116 8.94 5.22 4.48
CA ARG D 116 9.24 4.36 3.33
C ARG D 116 9.47 2.89 3.67
N GLN D 117 10.21 2.64 4.75
CA GLN D 117 10.55 1.28 5.15
C GLN D 117 10.16 0.95 6.60
N PRO D 118 8.95 0.40 6.79
CA PRO D 118 8.39 0.02 8.08
C PRO D 118 9.37 -0.61 9.04
N ALA D 119 10.41 -1.26 8.51
CA ALA D 119 11.41 -1.90 9.36
C ALA D 119 12.01 -0.89 10.31
N TYR D 120 12.26 0.32 9.80
CA TYR D 120 12.85 1.37 10.61
C TYR D 120 11.87 1.96 11.61
N ARG D 121 10.60 1.60 11.53
CA ARG D 121 9.62 2.13 12.47
C ARG D 121 9.86 1.56 13.86
N GLU D 122 10.84 0.66 13.95
CA GLU D 122 11.22 0.03 15.20
C GLU D 122 11.92 1.05 16.09
N LEU D 123 12.78 1.85 15.47
CA LEU D 123 13.52 2.85 16.23
C LEU D 123 12.70 4.12 16.45
N THR D 124 11.83 4.45 15.51
CA THR D 124 10.97 5.61 15.69
C THR D 124 10.00 5.25 16.82
N HIS D 125 9.66 3.97 16.90
CA HIS D 125 8.79 3.47 17.97
C HIS D 125 9.52 3.58 19.30
N GLU D 126 10.76 3.12 19.33
CA GLU D 126 11.57 3.14 20.54
C GLU D 126 11.86 4.58 20.98
N TRP D 127 11.94 5.49 20.01
CA TRP D 127 12.19 6.88 20.32
C TRP D 127 11.00 7.45 21.09
N MET D 128 9.81 7.22 20.57
CA MET D 128 8.57 7.66 21.20
C MET D 128 8.46 7.09 22.61
N ARG D 129 8.81 5.82 22.74
CA ARG D 129 8.76 5.15 24.03
C ARG D 129 9.68 5.84 25.02
N ARG D 130 10.94 6.02 24.64
CA ARG D 130 11.92 6.67 25.52
C ARG D 130 11.54 8.11 25.82
N SER D 131 10.76 8.74 24.95
CA SER D 131 10.34 10.11 25.18
C SER D 131 9.25 10.13 26.24
N ARG D 132 8.31 9.21 26.12
CA ARG D 132 7.21 9.12 27.07
C ARG D 132 7.73 8.79 28.47
N VAL D 133 8.82 8.03 28.54
CA VAL D 133 9.42 7.66 29.81
C VAL D 133 9.74 8.90 30.64
N HIS D 134 10.40 9.88 30.03
CA HIS D 134 10.73 11.10 30.74
C HIS D 134 9.48 11.92 31.08
N LEU D 135 8.52 11.93 30.16
CA LEU D 135 7.27 12.67 30.37
C LEU D 135 6.42 12.05 31.47
N GLU D 136 6.44 10.72 31.56
CA GLU D 136 5.68 10.00 32.56
C GLU D 136 6.16 10.27 33.98
N LYS D 137 7.28 10.97 34.10
CA LYS D 137 7.84 11.32 35.40
C LYS D 137 6.94 12.38 36.02
N HIS D 138 6.18 13.07 35.19
CA HIS D 138 5.31 14.13 35.65
C HIS D 138 3.84 13.95 35.32
N PHE D 139 3.55 13.20 34.27
CA PHE D 139 2.16 13.01 33.87
C PHE D 139 1.79 11.54 33.79
N ASP D 140 0.48 11.27 33.83
CA ASP D 140 -0.02 9.91 33.74
C ASP D 140 0.31 9.39 32.32
N PRO D 141 0.24 8.07 32.11
CA PRO D 141 0.54 7.44 30.81
C PRO D 141 -0.22 8.00 29.61
N GLY D 142 -1.55 8.02 29.70
CA GLY D 142 -2.34 8.54 28.59
C GLY D 142 -1.95 9.96 28.22
N THR D 143 -1.78 10.80 29.24
CA THR D 143 -1.42 12.19 29.02
C THR D 143 -0.03 12.33 28.42
N ALA D 144 0.90 11.53 28.93
CA ALA D 144 2.27 11.51 28.44
C ALA D 144 2.28 11.25 26.94
N ARG D 145 1.47 10.29 26.50
CA ARG D 145 1.39 9.92 25.09
C ARG D 145 0.83 11.04 24.23
N GLN D 146 -0.28 11.64 24.67
CA GLN D 146 -0.91 12.74 23.94
C GLN D 146 0.05 13.92 23.85
N LEU D 147 0.75 14.15 24.95
CA LEU D 147 1.69 15.27 25.02
C LEU D 147 2.86 15.08 24.07
N ASP D 148 3.37 13.85 23.98
CA ASP D 148 4.50 13.55 23.11
C ASP D 148 4.14 13.91 21.66
N ALA D 149 2.91 13.58 21.29
CA ALA D 149 2.41 13.88 19.94
C ALA D 149 2.29 15.39 19.75
N LEU D 150 1.77 16.09 20.75
CA LEU D 150 1.64 17.54 20.65
C LEU D 150 3.04 18.14 20.53
N ILE D 151 3.97 17.67 21.36
CA ILE D 151 5.34 18.18 21.29
C ILE D 151 5.86 18.04 19.88
N GLU D 152 5.60 16.87 19.28
CA GLU D 152 6.02 16.59 17.92
C GLU D 152 5.43 17.60 16.95
N GLY D 153 4.10 17.71 16.95
CA GLY D 153 3.44 18.64 16.07
C GLY D 153 3.82 20.10 16.24
N LEU D 154 3.89 20.58 17.48
CA LEU D 154 4.26 21.97 17.71
C LEU D 154 5.69 22.25 17.19
N THR D 155 6.61 21.34 17.49
CA THR D 155 7.99 21.50 17.06
C THR D 155 8.08 21.61 15.54
N LEU D 156 7.43 20.70 14.83
CA LEU D 156 7.44 20.72 13.36
C LEU D 156 6.80 22.00 12.82
N HIS D 157 5.66 22.40 13.38
CA HIS D 157 5.01 23.62 12.91
C HIS D 157 5.84 24.89 13.15
N ARG D 158 6.57 24.95 14.25
CA ARG D 158 7.41 26.12 14.49
C ARG D 158 8.58 26.12 13.52
N ALA D 159 9.17 24.95 13.30
CA ALA D 159 10.33 24.82 12.41
C ALA D 159 10.10 25.06 10.92
N LEU D 160 8.96 24.62 10.40
CA LEU D 160 8.68 24.77 8.97
C LEU D 160 7.78 25.95 8.62
N ALA D 161 7.64 26.88 9.55
CA ALA D 161 6.80 28.05 9.30
C ALA D 161 7.71 29.18 8.87
N ARG D 162 7.14 30.23 8.30
CA ARG D 162 7.92 31.37 7.90
C ARG D 162 8.10 32.18 9.18
N GLU D 163 7.03 32.23 9.97
CA GLU D 163 7.07 32.92 11.26
C GLU D 163 6.52 31.98 12.33
N PRO D 164 7.41 31.40 13.14
CA PRO D 164 6.99 30.48 14.20
C PRO D 164 6.11 31.18 15.23
N HIS D 165 5.11 30.47 15.75
CA HIS D 165 4.22 31.05 16.75
C HIS D 165 4.97 31.30 18.05
N GLY D 166 4.40 32.17 18.88
CA GLY D 166 5.02 32.53 20.16
C GLY D 166 4.89 31.49 21.25
N ARG D 167 5.66 31.69 22.32
CA ARG D 167 5.67 30.77 23.46
C ARG D 167 4.31 30.62 24.10
N ALA D 168 3.52 31.69 24.04
CA ALA D 168 2.17 31.69 24.61
C ALA D 168 1.33 30.56 24.02
N LEU D 169 1.28 30.49 22.70
CA LEU D 169 0.51 29.45 22.00
C LEU D 169 0.99 28.08 22.44
N THR D 170 2.31 27.89 22.46
CA THR D 170 2.90 26.63 22.85
C THR D 170 2.50 26.17 24.25
N LEU D 171 2.57 27.10 25.21
CA LEU D 171 2.22 26.80 26.58
C LEU D 171 0.72 26.51 26.77
N GLU D 172 -0.13 27.28 26.11
CA GLU D 172 -1.57 27.05 26.21
C GLU D 172 -1.94 25.66 25.68
N ALA D 173 -1.35 25.27 24.56
CA ALA D 173 -1.64 23.95 24.00
C ALA D 173 -1.26 22.87 24.99
N ILE D 174 -0.08 23.01 25.57
CA ILE D 174 0.44 22.07 26.56
C ILE D 174 -0.48 22.03 27.78
N ALA D 175 -0.93 23.20 28.21
CA ALA D 175 -1.80 23.30 29.37
C ALA D 175 -3.11 22.54 29.15
N ARG D 176 -3.63 22.60 27.93
CA ARG D 176 -4.87 21.92 27.62
C ARG D 176 -4.72 20.40 27.52
N ILE D 177 -3.68 19.96 26.84
CA ILE D 177 -3.44 18.53 26.65
C ILE D 177 -3.08 17.84 27.97
N THR D 178 -2.49 18.58 28.91
CA THR D 178 -2.13 18.01 30.20
C THR D 178 -3.19 18.35 31.25
N THR D 179 -4.38 18.71 30.81
CA THR D 179 -5.47 19.02 31.73
C THR D 179 -6.08 17.72 32.24
N THR D 180 -6.08 17.56 33.56
CA THR D 180 -6.60 16.37 34.23
C THR D 180 -5.73 15.16 33.93
#